data_8D71
#
_entry.id   8D71
#
_cell.length_a   63.126
_cell.length_b   107.735
_cell.length_c   68.817
_cell.angle_alpha   90.000
_cell.angle_beta   106.890
_cell.angle_gamma   90.000
#
_symmetry.space_group_name_H-M   'P 1 21 1'
#
loop_
_entity.id
_entity.type
_entity.pdbx_description
1 polymer 'Protein argonaute-2'
2 polymer miR-122-21nt
3 non-polymer 'MAGNESIUM ION'
4 water water
#
loop_
_entity_poly.entity_id
_entity_poly.type
_entity_poly.pdbx_seq_one_letter_code
_entity_poly.pdbx_strand_id
1 'polypeptide(L)'
;MYSGAGPALAPPAPPPPIQGYAFKPPPRPDFGTSGRTIKLQANFFEMDIPKIDIYHYELDIKPEKCPRRVNREIVEHMVQ
HFKTQIFGDRKPVFDGRKNLYTAMPLPIGRDKVELEVTLPGEGKDRIFKVSIKWVSCVSLQALHDALSGRLPSVPFETIQ
ALDVVMRHLPSMRYTPVGRSFFTASEGCSNPLGGGREVWFGFHQSVRPSLWKMMLNIDVSATAFYKAQPVIEFVCEVLDF
KSIEEQQKPLTDSQRVKFTKEIKGLKVEITHCGQMKRKYRVCNVTRRPASHQTFPLQQESGQTVECTVAQYFKDRHKLVL
RYPHLPCLQVGQEQKHTYLPLEVCNIVAGQRCIKKLTDNQTSTMIRATARSAPDRQEEISKLMRSADFNTDPYVREFGIM
VKDEMTDVTGRVLQPPSILYGGRNKAIATPVQGVWDMRNKQFHTGIEIKVWAIACFAPQRQCTEVHLKSFTEQLRKISRD
AGMPIQGQPCFCKYAQGADSVEPMFRHLKNTYAGLQLVVVILPGKTPVYAEVKRVGDTVLGMATQCVQMKNVQRTTPQTL
SNLCLKINVKLGGVNNILLPQGRPPVFQQPVIFLGADVTHPPAGDGKKPSIAAVVGSMDAHPNRYCATVRVQQHRQEIIQ
DLAAMVRELLIQFYKSTRFKPTRIIFYRDGVSEGQFQQVLHHELLAIREACIKLEKDYQPGITFIVVQKRHHTRLFCTDK
NERVGKSGNIPAGTTVDTKITHPTEFDFYLCSHAGIQGTSRPSHYHVLWDDNRFSSDELQILTYQLCHTYVRCTRSVSIP
APAYYAHLVAFRARYHLVDKEHDAAEGDHTDGQANGRDHQALAKAVQVHQDTLRTMYFA
;
A
2 'polyribonucleotide' UGGAGUGUGACAAUGGUGUUU B
#
# COMPACT_ATOMS: atom_id res chain seq x y z
N PHE A 23 2.57 5.98 25.73
CA PHE A 23 1.17 6.35 25.56
C PHE A 23 1.02 7.57 24.64
N LYS A 24 1.89 8.56 24.79
CA LYS A 24 1.82 9.80 24.04
C LYS A 24 3.12 10.08 23.30
N PRO A 25 3.08 10.45 22.02
CA PRO A 25 4.32 10.69 21.27
C PRO A 25 5.14 11.79 21.89
N PRO A 26 6.45 11.66 21.90
CA PRO A 26 7.29 12.68 22.52
C PRO A 26 7.32 13.95 21.69
N PRO A 27 7.72 15.07 22.27
CA PRO A 27 7.85 16.31 21.49
C PRO A 27 9.12 16.32 20.66
N ARG A 28 9.09 17.13 19.60
CA ARG A 28 10.27 17.28 18.77
C ARG A 28 11.43 17.72 19.66
N PRO A 29 12.56 17.02 19.68
CA PRO A 29 13.66 17.45 20.56
C PRO A 29 14.38 18.69 20.07
N ASP A 30 14.53 18.83 18.76
CA ASP A 30 15.27 19.93 18.16
C ASP A 30 15.06 19.83 16.65
N PHE A 31 15.81 20.62 15.88
CA PHE A 31 15.77 20.62 14.43
C PHE A 31 17.13 20.22 13.91
N GLY A 32 17.15 19.40 12.87
CA GLY A 32 18.40 18.94 12.32
C GLY A 32 19.18 20.07 11.69
N THR A 33 20.52 19.90 11.67
CA THR A 33 21.40 20.86 11.03
C THR A 33 22.41 20.21 10.10
N SER A 34 22.43 18.89 10.00
CA SER A 34 23.37 18.23 9.10
C SER A 34 22.92 18.37 7.65
N GLY A 35 23.89 18.41 6.75
CA GLY A 35 23.63 18.46 5.32
C GLY A 35 23.56 19.88 4.77
N ARG A 36 23.72 19.97 3.45
CA ARG A 36 23.73 21.25 2.78
C ARG A 36 22.32 21.66 2.40
N THR A 37 21.97 22.91 2.66
CA THR A 37 20.61 23.36 2.42
C THR A 37 20.27 23.30 0.94
N ILE A 38 18.98 23.37 0.63
CA ILE A 38 18.48 23.23 -0.73
C ILE A 38 17.07 23.80 -0.72
N LYS A 39 16.76 24.68 -1.67
CA LYS A 39 15.44 25.30 -1.73
C LYS A 39 14.43 24.30 -2.29
N LEU A 40 13.27 24.23 -1.65
CA LEU A 40 12.26 23.25 -2.03
C LEU A 40 10.89 23.90 -2.02
N GLN A 41 9.98 23.29 -2.77
CA GLN A 41 8.57 23.62 -2.73
C GLN A 41 7.77 22.34 -2.44
N ALA A 42 6.73 22.48 -1.62
CA ALA A 42 5.87 21.38 -1.25
C ALA A 42 4.45 21.66 -1.73
N ASN A 43 3.71 20.60 -2.04
CA ASN A 43 2.30 20.72 -2.38
C ASN A 43 1.42 20.93 -1.15
N PHE A 44 1.89 21.76 -0.22
CA PHE A 44 1.12 22.24 0.93
C PHE A 44 0.86 23.73 0.72
N PHE A 45 -0.40 24.12 0.69
CA PHE A 45 -0.79 25.50 0.40
C PHE A 45 -1.32 26.15 1.67
N GLU A 46 -0.69 27.25 2.07
CA GLU A 46 -1.02 27.91 3.32
C GLU A 46 -2.49 28.32 3.36
N MET A 47 -3.08 28.21 4.55
CA MET A 47 -4.47 28.57 4.77
C MET A 47 -4.51 29.69 5.79
N ASP A 48 -5.25 30.76 5.47
CA ASP A 48 -5.54 31.83 6.42
C ASP A 48 -6.94 31.57 7.00
N ILE A 49 -7.01 31.34 8.30
CA ILE A 49 -8.22 30.87 8.98
C ILE A 49 -8.62 31.94 10.00
N PRO A 50 -9.89 32.35 10.02
CA PRO A 50 -10.33 33.31 11.05
C PRO A 50 -10.50 32.65 12.40
N LYS A 51 -10.53 33.48 13.43
CA LYS A 51 -10.67 33.03 14.80
C LYS A 51 -12.12 32.90 15.24
N ILE A 52 -13.05 32.96 14.30
CA ILE A 52 -14.48 32.93 14.64
C ILE A 52 -14.80 31.65 15.39
N ASP A 53 -16.05 31.53 15.82
CA ASP A 53 -16.52 30.39 16.60
C ASP A 53 -17.59 29.68 15.75
N ILE A 54 -17.20 28.59 15.09
CA ILE A 54 -18.14 27.89 14.22
C ILE A 54 -19.02 26.97 15.05
N TYR A 55 -20.14 26.56 14.45
CA TYR A 55 -21.17 25.82 15.15
C TYR A 55 -21.39 24.45 14.52
N HIS A 56 -21.67 23.47 15.38
CA HIS A 56 -21.75 22.07 15.01
C HIS A 56 -23.13 21.54 15.34
N TYR A 57 -23.76 20.88 14.37
CA TYR A 57 -25.08 20.30 14.55
C TYR A 57 -25.06 18.85 14.09
N GLU A 58 -25.90 18.02 14.72
CA GLU A 58 -26.05 16.62 14.38
C GLU A 58 -27.33 16.42 13.59
N LEU A 59 -27.29 15.51 12.62
CA LEU A 59 -28.43 15.27 11.73
C LEU A 59 -28.81 13.79 11.78
N ASP A 60 -29.88 13.49 12.52
CA ASP A 60 -30.42 12.14 12.57
C ASP A 60 -31.34 11.97 11.37
N ILE A 61 -30.82 11.39 10.30
CA ILE A 61 -31.59 11.16 9.09
C ILE A 61 -32.16 9.75 9.14
N LYS A 62 -33.48 9.64 9.00
CA LYS A 62 -34.17 8.35 8.96
C LYS A 62 -34.69 8.12 7.55
N PRO A 63 -34.27 7.06 6.83
CA PRO A 63 -33.42 5.94 7.26
C PRO A 63 -31.97 6.32 7.57
N GLU A 64 -31.34 5.59 8.50
CA GLU A 64 -29.98 5.88 8.93
C GLU A 64 -28.93 5.17 8.10
N LYS A 65 -29.33 4.41 7.07
CA LYS A 65 -28.40 3.66 6.24
C LYS A 65 -28.14 4.31 4.89
N CYS A 66 -28.93 5.31 4.51
CA CYS A 66 -28.83 5.93 3.20
C CYS A 66 -27.38 6.23 2.83
N PRO A 67 -27.03 6.19 1.55
CA PRO A 67 -25.65 6.51 1.17
C PRO A 67 -25.30 7.96 1.45
N ARG A 68 -24.01 8.21 1.62
CA ARG A 68 -23.55 9.60 1.75
C ARG A 68 -24.12 10.47 0.64
N ARG A 69 -24.20 9.89 -0.57
CA ARG A 69 -24.57 10.65 -1.76
C ARG A 69 -26.01 11.14 -1.65
N VAL A 70 -26.92 10.26 -1.23
CA VAL A 70 -28.30 10.67 -1.00
C VAL A 70 -28.39 11.60 0.20
N ASN A 71 -27.62 11.31 1.26
CA ASN A 71 -27.60 12.17 2.43
C ASN A 71 -27.25 13.60 2.05
N ARG A 72 -26.34 13.78 1.09
CA ARG A 72 -25.98 15.12 0.65
C ARG A 72 -27.13 15.77 -0.11
N GLU A 73 -27.85 15.00 -0.91
CA GLU A 73 -29.03 15.53 -1.59
C GLU A 73 -30.10 15.92 -0.59
N ILE A 74 -30.34 15.08 0.42
CA ILE A 74 -31.29 15.40 1.47
C ILE A 74 -30.94 16.76 2.08
N VAL A 75 -29.70 16.88 2.58
CA VAL A 75 -29.28 18.14 3.19
C VAL A 75 -29.34 19.28 2.19
N GLU A 76 -29.13 18.98 0.90
CA GLU A 76 -29.21 20.00 -0.12
C GLU A 76 -30.62 20.58 -0.19
N HIS A 77 -31.60 19.75 -0.55
CA HIS A 77 -32.98 20.21 -0.62
C HIS A 77 -33.48 20.67 0.74
N MET A 78 -33.00 20.07 1.82
CA MET A 78 -33.44 20.45 3.16
C MET A 78 -33.08 21.89 3.47
N VAL A 79 -31.88 22.34 3.09
CA VAL A 79 -31.50 23.72 3.30
C VAL A 79 -32.18 24.62 2.27
N GLN A 80 -32.45 24.10 1.07
CA GLN A 80 -33.19 24.86 0.08
C GLN A 80 -34.65 25.03 0.50
N HIS A 81 -35.30 23.92 0.88
CA HIS A 81 -36.72 23.98 1.24
C HIS A 81 -36.95 24.92 2.41
N PHE A 82 -36.15 24.81 3.46
CA PHE A 82 -36.29 25.63 4.67
C PHE A 82 -35.41 26.88 4.61
N LYS A 83 -35.27 27.47 3.42
CA LYS A 83 -34.43 28.66 3.28
C LYS A 83 -34.87 29.77 4.21
N THR A 84 -36.16 30.08 4.22
CA THR A 84 -36.66 31.20 5.01
C THR A 84 -36.91 30.83 6.47
N GLN A 85 -37.29 29.58 6.73
CA GLN A 85 -37.60 29.18 8.10
C GLN A 85 -36.34 29.05 8.94
N ILE A 86 -35.46 28.11 8.58
CA ILE A 86 -34.32 27.76 9.42
C ILE A 86 -33.10 28.59 9.08
N PHE A 87 -32.52 28.34 7.90
CA PHE A 87 -31.14 28.72 7.61
C PHE A 87 -30.98 30.11 7.03
N GLY A 88 -32.05 30.74 6.59
CA GLY A 88 -31.90 32.07 6.01
C GLY A 88 -31.03 32.02 4.77
N ASP A 89 -29.92 32.76 4.82
CA ASP A 89 -29.03 32.89 3.67
C ASP A 89 -27.69 32.20 3.86
N ARG A 90 -27.51 31.45 4.96
CA ARG A 90 -26.22 30.85 5.25
C ARG A 90 -26.04 29.54 4.49
N LYS A 91 -24.79 29.27 4.11
CA LYS A 91 -24.41 28.14 3.28
C LYS A 91 -23.67 27.14 4.14
N PRO A 92 -24.36 26.20 4.78
CA PRO A 92 -23.69 25.25 5.67
C PRO A 92 -23.00 24.15 4.86
N VAL A 93 -22.18 23.38 5.58
CA VAL A 93 -21.38 22.31 5.00
C VAL A 93 -21.70 21.01 5.74
N PHE A 94 -21.87 19.93 4.99
CA PHE A 94 -22.34 18.65 5.49
C PHE A 94 -21.33 17.56 5.16
N ASP A 95 -21.07 16.70 6.14
CA ASP A 95 -20.06 15.67 6.01
C ASP A 95 -20.57 14.39 5.35
N GLY A 96 -21.86 14.31 5.03
CA GLY A 96 -22.44 13.15 4.38
C GLY A 96 -23.07 12.14 5.31
N ARG A 97 -22.87 12.27 6.61
CA ARG A 97 -23.43 11.31 7.56
C ARG A 97 -24.43 11.99 8.48
N LYS A 98 -23.94 12.68 9.50
CA LYS A 98 -24.83 13.36 10.45
C LYS A 98 -24.11 14.49 11.18
N ASN A 99 -23.35 15.30 10.45
CA ASN A 99 -22.60 16.40 11.03
C ASN A 99 -22.68 17.61 10.11
N LEU A 100 -23.37 18.65 10.56
CA LEU A 100 -23.55 19.89 9.83
C LEU A 100 -22.86 21.02 10.56
N TYR A 101 -22.27 21.93 9.82
CA TYR A 101 -21.55 23.06 10.40
C TYR A 101 -22.06 24.36 9.79
N THR A 102 -21.90 25.44 10.56
CA THR A 102 -22.30 26.78 10.12
C THR A 102 -21.29 27.79 10.65
N ALA A 103 -21.06 28.83 9.86
CA ALA A 103 -20.26 29.96 10.29
C ALA A 103 -21.06 30.99 11.09
N MET A 104 -22.34 30.70 11.37
CA MET A 104 -23.21 31.55 12.15
C MET A 104 -24.17 30.66 12.93
N PRO A 105 -24.58 31.08 14.13
CA PRO A 105 -25.57 30.29 14.87
C PRO A 105 -26.90 30.27 14.12
N LEU A 106 -27.56 29.11 14.14
CA LEU A 106 -28.86 28.94 13.52
C LEU A 106 -29.97 29.27 14.53
N PRO A 107 -31.18 29.56 14.04
CA PRO A 107 -32.31 29.78 14.96
C PRO A 107 -32.72 28.55 15.76
N ILE A 108 -32.04 27.41 15.55
CA ILE A 108 -32.34 26.21 16.33
C ILE A 108 -32.26 26.54 17.82
N GLY A 109 -31.16 27.14 18.25
CA GLY A 109 -30.99 27.50 19.66
C GLY A 109 -30.95 26.31 20.60
N ARG A 110 -30.28 25.23 20.19
CA ARG A 110 -30.04 24.03 20.98
C ARG A 110 -31.29 23.16 21.11
N ASP A 111 -32.43 23.57 20.56
CA ASP A 111 -33.66 22.80 20.64
C ASP A 111 -33.73 21.85 19.45
N LYS A 112 -33.84 20.54 19.73
CA LYS A 112 -33.99 19.58 18.65
C LYS A 112 -35.23 19.90 17.82
N VAL A 113 -35.07 20.00 16.51
CA VAL A 113 -36.14 20.33 15.59
C VAL A 113 -36.23 19.23 14.55
N GLU A 114 -37.37 18.53 14.56
CA GLU A 114 -37.64 17.45 13.61
C GLU A 114 -38.31 18.05 12.38
N LEU A 115 -37.71 17.84 11.21
CA LEU A 115 -38.20 18.42 9.96
C LEU A 115 -38.37 17.33 8.92
N GLU A 116 -39.03 17.70 7.82
CA GLU A 116 -39.34 16.75 6.76
C GLU A 116 -38.64 17.15 5.46
N VAL A 117 -38.26 16.13 4.69
CA VAL A 117 -37.56 16.31 3.42
C VAL A 117 -38.12 15.31 2.42
N THR A 118 -38.42 15.79 1.22
CA THR A 118 -38.94 14.96 0.14
C THR A 118 -38.00 15.03 -1.05
N LEU A 119 -37.56 13.85 -1.52
CA LEU A 119 -36.65 13.77 -2.66
C LEU A 119 -37.43 13.37 -3.89
N PRO A 120 -37.27 14.09 -5.03
CA PRO A 120 -37.92 13.63 -6.27
C PRO A 120 -37.56 12.20 -6.63
N GLY A 121 -38.38 11.25 -6.22
CA GLY A 121 -38.12 9.84 -6.41
C GLY A 121 -38.80 9.28 -7.65
N GLU A 122 -39.00 7.96 -7.63
CA GLU A 122 -39.57 7.26 -8.76
C GLU A 122 -41.07 7.00 -8.56
N LYS A 124 -43.63 6.04 -6.67
CA LYS A 124 -43.76 6.84 -5.46
C LYS A 124 -42.46 7.56 -5.13
N ASP A 125 -42.57 8.82 -4.74
CA ASP A 125 -41.39 9.61 -4.39
C ASP A 125 -40.93 9.28 -2.97
N ARG A 126 -39.66 9.58 -2.69
CA ARG A 126 -39.08 9.24 -1.41
C ARG A 126 -39.43 10.28 -0.35
N ILE A 127 -39.46 9.84 0.90
CA ILE A 127 -39.75 10.69 2.05
C ILE A 127 -38.68 10.42 3.10
N PHE A 128 -38.14 11.48 3.70
CA PHE A 128 -37.04 11.36 4.63
C PHE A 128 -37.31 12.20 5.87
N LYS A 129 -37.05 11.61 7.04
CA LYS A 129 -37.20 12.28 8.32
C LYS A 129 -35.84 12.76 8.78
N VAL A 130 -35.71 14.06 9.01
CA VAL A 130 -34.46 14.68 9.42
C VAL A 130 -34.71 15.52 10.67
N SER A 131 -33.78 15.45 11.63
CA SER A 131 -33.84 16.25 12.84
C SER A 131 -32.49 16.88 13.09
N ILE A 132 -32.50 18.13 13.57
CA ILE A 132 -31.29 18.92 13.77
C ILE A 132 -31.20 19.32 15.23
N LYS A 133 -29.97 19.46 15.72
CA LYS A 133 -29.73 19.88 17.09
C LYS A 133 -28.31 20.43 17.20
N TRP A 134 -28.15 21.52 17.95
CA TRP A 134 -26.83 22.05 18.22
C TRP A 134 -26.13 21.15 19.23
N VAL A 135 -24.86 20.84 18.98
CA VAL A 135 -24.15 19.85 19.78
C VAL A 135 -22.84 20.38 20.31
N SER A 136 -22.16 21.22 19.52
CA SER A 136 -20.82 21.65 19.90
C SER A 136 -20.57 23.08 19.42
N CYS A 137 -19.46 23.65 19.90
CA CYS A 137 -19.10 25.04 19.67
C CYS A 137 -17.61 25.07 19.32
N VAL A 138 -17.29 24.59 18.11
CA VAL A 138 -15.89 24.41 17.73
C VAL A 138 -15.21 25.76 17.67
N SER A 139 -14.12 25.90 18.42
CA SER A 139 -13.35 27.15 18.47
C SER A 139 -12.18 27.06 17.52
N LEU A 140 -12.04 28.09 16.66
CA LEU A 140 -10.92 28.12 15.74
C LEU A 140 -9.69 28.75 16.39
N GLN A 141 -9.88 29.77 17.22
CA GLN A 141 -8.77 30.33 17.99
C GLN A 141 -8.09 29.24 18.82
N ALA A 142 -8.87 28.27 19.31
CA ALA A 142 -8.30 27.15 20.06
C ALA A 142 -7.40 26.28 19.18
N LEU A 143 -7.42 26.47 17.86
CA LEU A 143 -6.53 25.72 16.98
C LEU A 143 -5.21 26.45 16.76
N HIS A 144 -5.26 27.75 16.47
CA HIS A 144 -4.03 28.45 16.12
C HIS A 144 -3.04 28.45 17.29
N ASP A 145 -3.53 28.57 18.52
CA ASP A 145 -2.61 28.49 19.65
C ASP A 145 -1.97 27.10 19.72
N ALA A 146 -2.76 26.04 19.49
CA ALA A 146 -2.21 24.69 19.44
C ALA A 146 -1.18 24.53 18.33
N LEU A 147 -1.25 25.37 17.29
CA LEU A 147 -0.27 25.32 16.22
C LEU A 147 1.05 25.94 16.64
N SER A 148 1.06 26.75 17.70
CA SER A 148 2.26 27.42 18.19
C SER A 148 2.92 26.68 19.34
N GLY A 149 2.55 25.42 19.57
CA GLY A 149 3.01 24.68 20.73
C GLY A 149 2.41 25.12 22.04
N ARG A 150 1.61 26.19 22.04
CA ARG A 150 0.88 26.62 23.22
C ARG A 150 0.23 25.45 23.94
N LEU A 151 -0.72 24.79 23.30
CA LEU A 151 -1.38 23.63 23.86
C LEU A 151 -0.50 22.40 23.67
N PRO A 152 -0.81 21.29 24.37
CA PRO A 152 0.01 20.09 24.20
C PRO A 152 -0.28 19.39 22.88
N SER A 153 -1.52 18.97 22.70
CA SER A 153 -1.97 18.31 21.48
C SER A 153 -2.75 19.28 20.61
N VAL A 154 -3.15 18.81 19.42
CA VAL A 154 -3.98 19.58 18.51
C VAL A 154 -5.39 19.01 18.58
N PRO A 155 -6.44 19.85 18.65
CA PRO A 155 -7.80 19.30 18.68
C PRO A 155 -8.20 18.79 17.30
N PHE A 156 -8.59 17.51 17.25
CA PHE A 156 -8.89 16.89 15.97
C PHE A 156 -10.25 17.34 15.43
N GLU A 157 -11.22 17.58 16.31
CA GLU A 157 -12.55 17.96 15.84
C GLU A 157 -12.52 19.26 15.05
N THR A 158 -11.64 20.19 15.41
CA THR A 158 -11.55 21.43 14.65
C THR A 158 -10.88 21.21 13.30
N ILE A 159 -9.85 20.35 13.26
CA ILE A 159 -9.18 20.07 12.00
C ILE A 159 -10.15 19.41 11.03
N GLN A 160 -10.91 18.42 11.49
CA GLN A 160 -11.88 17.76 10.63
C GLN A 160 -13.06 18.65 10.28
N ALA A 161 -13.32 19.68 11.10
CA ALA A 161 -14.34 20.65 10.73
C ALA A 161 -13.90 21.47 9.53
N LEU A 162 -12.65 21.93 9.52
CA LEU A 162 -12.13 22.62 8.34
C LEU A 162 -12.17 21.72 7.12
N ASP A 163 -11.66 20.49 7.26
CA ASP A 163 -11.70 19.53 6.16
C ASP A 163 -13.09 19.43 5.56
N VAL A 164 -14.12 19.37 6.40
CA VAL A 164 -15.48 19.28 5.89
C VAL A 164 -15.83 20.53 5.09
N VAL A 165 -15.34 21.69 5.51
CA VAL A 165 -15.61 22.91 4.78
C VAL A 165 -14.94 22.87 3.42
N MET A 166 -13.67 22.45 3.37
CA MET A 166 -12.90 22.57 2.14
C MET A 166 -13.38 21.61 1.06
N ARG A 167 -13.99 20.49 1.45
CA ARG A 167 -14.36 19.45 0.49
C ARG A 167 -15.86 19.33 0.31
N HIS A 168 -16.64 20.25 0.89
CA HIS A 168 -18.09 20.18 0.73
C HIS A 168 -18.50 20.36 -0.73
N LEU A 169 -17.93 21.36 -1.40
CA LEU A 169 -18.29 21.56 -2.80
C LEU A 169 -17.71 20.47 -3.70
N PRO A 170 -16.42 20.13 -3.59
CA PRO A 170 -15.94 18.97 -4.38
C PRO A 170 -16.79 17.72 -4.21
N SER A 171 -17.29 17.47 -2.99
CA SER A 171 -18.08 16.27 -2.76
C SER A 171 -19.42 16.31 -3.48
N MET A 172 -19.88 17.50 -3.87
CA MET A 172 -21.15 17.62 -4.58
C MET A 172 -20.96 17.48 -6.09
N ARG A 173 -19.88 18.04 -6.64
CA ARG A 173 -19.67 18.06 -8.08
C ARG A 173 -18.77 16.94 -8.60
N TYR A 174 -18.18 16.14 -7.71
CA TYR A 174 -17.31 15.05 -8.12
C TYR A 174 -17.68 13.80 -7.33
N THR A 175 -17.07 12.69 -7.73
CA THR A 175 -17.26 11.42 -7.04
C THR A 175 -16.19 11.26 -5.96
N PRO A 176 -16.52 11.34 -4.68
CA PRO A 176 -15.50 11.16 -3.65
C PRO A 176 -15.02 9.72 -3.57
N VAL A 177 -13.75 9.56 -3.23
CA VAL A 177 -13.16 8.24 -3.02
C VAL A 177 -12.07 8.38 -1.96
N GLY A 178 -12.40 8.05 -0.73
CA GLY A 178 -11.48 8.33 0.37
C GLY A 178 -11.32 9.84 0.51
N ARG A 179 -10.06 10.29 0.53
CA ARG A 179 -9.75 11.71 0.54
C ARG A 179 -9.64 12.28 -0.86
N SER A 180 -9.90 11.49 -1.90
CA SER A 180 -9.70 11.88 -3.28
C SER A 180 -11.03 12.17 -3.95
N PHE A 181 -10.95 12.79 -5.12
CA PHE A 181 -12.11 13.18 -5.91
C PHE A 181 -11.86 12.81 -7.36
N PHE A 182 -12.84 12.19 -7.99
CA PHE A 182 -12.73 11.77 -9.37
C PHE A 182 -14.00 12.15 -10.12
N THR A 183 -13.89 12.17 -11.45
CA THR A 183 -15.03 12.45 -12.30
C THR A 183 -14.82 11.73 -13.63
N ALA A 184 -15.66 12.04 -14.62
CA ALA A 184 -15.59 11.44 -15.95
C ALA A 184 -15.59 12.54 -17.01
N SER A 185 -14.61 13.44 -16.93
CA SER A 185 -14.50 14.58 -17.83
C SER A 185 -13.53 14.27 -18.96
N GLU A 186 -13.99 14.49 -20.20
CA GLU A 186 -13.19 14.24 -21.39
C GLU A 186 -12.49 12.89 -21.30
N GLY A 187 -13.19 11.91 -20.76
CA GLY A 187 -12.58 10.61 -20.51
C GLY A 187 -11.68 10.59 -19.30
N CYS A 188 -10.71 11.52 -19.23
CA CYS A 188 -9.73 11.58 -18.16
C CYS A 188 -9.43 10.19 -17.62
N SER A 189 -9.22 9.24 -18.53
CA SER A 189 -8.98 7.85 -18.16
C SER A 189 -8.33 7.13 -19.33
N ASN A 190 -7.63 6.05 -19.01
CA ASN A 190 -7.04 5.18 -20.01
C ASN A 190 -7.52 3.76 -19.76
N PRO A 191 -7.79 2.99 -20.82
CA PRO A 191 -8.23 1.60 -20.61
C PRO A 191 -7.07 0.71 -20.15
N LEU A 192 -7.43 -0.32 -19.39
CA LEU A 192 -6.45 -1.28 -18.89
C LEU A 192 -6.76 -2.71 -19.30
N GLY A 193 -7.91 -2.97 -19.91
CA GLY A 193 -8.34 -4.32 -20.19
C GLY A 193 -9.08 -4.95 -19.02
N GLY A 194 -9.71 -6.09 -19.30
CA GLY A 194 -10.46 -6.80 -18.29
C GLY A 194 -11.61 -6.02 -17.70
N GLY A 195 -12.11 -5.01 -18.41
CA GLY A 195 -13.20 -4.18 -17.93
C GLY A 195 -12.79 -3.05 -17.02
N ARG A 196 -11.50 -2.83 -16.82
CA ARG A 196 -11.02 -1.83 -15.89
C ARG A 196 -10.34 -0.69 -16.63
N GLU A 197 -10.45 0.51 -16.05
CA GLU A 197 -9.79 1.70 -16.58
C GLU A 197 -9.32 2.54 -15.41
N VAL A 198 -8.30 3.36 -15.65
CA VAL A 198 -7.70 4.20 -14.62
C VAL A 198 -8.23 5.61 -14.79
N TRP A 199 -8.82 6.15 -13.73
CA TRP A 199 -9.35 7.51 -13.73
C TRP A 199 -8.36 8.46 -13.08
N PHE A 200 -8.38 9.72 -13.52
CA PHE A 200 -7.51 10.75 -12.99
C PHE A 200 -8.32 11.71 -12.13
N GLY A 201 -7.89 11.90 -10.90
CA GLY A 201 -8.56 12.80 -9.98
C GLY A 201 -7.56 13.59 -9.17
N PHE A 202 -7.90 13.91 -7.92
CA PHE A 202 -6.99 14.67 -7.07
C PHE A 202 -7.30 14.38 -5.62
N HIS A 203 -6.24 14.41 -4.80
CA HIS A 203 -6.35 14.25 -3.35
C HIS A 203 -6.45 15.62 -2.69
N GLN A 204 -7.16 15.67 -1.56
CA GLN A 204 -7.31 16.90 -0.81
C GLN A 204 -7.38 16.56 0.67
N SER A 205 -6.60 17.26 1.49
CA SER A 205 -6.65 17.05 2.92
C SER A 205 -6.14 18.32 3.62
N VAL A 206 -6.73 18.60 4.78
CA VAL A 206 -6.32 19.70 5.62
C VAL A 206 -5.41 19.14 6.70
N ARG A 207 -4.22 19.72 6.85
CA ARG A 207 -3.20 19.21 7.74
C ARG A 207 -2.61 20.34 8.58
N PRO A 208 -2.31 20.08 9.85
CA PRO A 208 -1.70 21.12 10.68
C PRO A 208 -0.18 21.10 10.59
N SER A 209 0.40 22.28 10.78
CA SER A 209 1.84 22.45 10.80
C SER A 209 2.16 23.52 11.84
N LEU A 210 3.43 23.90 11.93
CA LEU A 210 3.84 24.96 12.85
C LEU A 210 3.34 26.31 12.36
N TRP A 211 2.55 26.99 13.19
CA TRP A 211 2.08 28.35 13.02
C TRP A 211 1.03 28.52 11.94
N LYS A 212 0.50 27.44 11.38
CA LYS A 212 -0.44 27.58 10.26
C LYS A 212 -1.03 26.24 9.82
N MET A 213 -2.26 26.29 9.30
CA MET A 213 -2.87 25.14 8.68
C MET A 213 -2.51 25.09 7.20
N MET A 214 -2.32 23.88 6.68
CA MET A 214 -1.96 23.66 5.29
C MET A 214 -3.08 22.89 4.58
N LEU A 215 -3.24 23.20 3.29
CA LEU A 215 -4.07 22.39 2.39
C LEU A 215 -3.15 21.59 1.49
N ASN A 216 -3.22 20.26 1.60
CA ASN A 216 -2.40 19.35 0.81
C ASN A 216 -3.21 18.92 -0.41
N ILE A 217 -2.69 19.24 -1.60
CA ILE A 217 -3.34 18.95 -2.87
C ILE A 217 -2.39 18.13 -3.73
N ASP A 218 -2.90 17.11 -4.39
CA ASP A 218 -2.07 16.28 -5.24
C ASP A 218 -2.94 15.63 -6.29
N VAL A 219 -2.32 15.28 -7.42
CA VAL A 219 -2.99 14.48 -8.43
C VAL A 219 -3.05 13.04 -7.92
N SER A 220 -4.06 12.30 -8.36
CA SER A 220 -4.22 10.91 -7.96
C SER A 220 -4.91 10.16 -9.07
N ALA A 221 -4.55 8.89 -9.21
CA ALA A 221 -5.08 8.06 -10.29
C ALA A 221 -5.33 6.67 -9.71
N THR A 222 -6.57 6.19 -9.83
CA THR A 222 -6.94 4.88 -9.33
C THR A 222 -7.75 4.14 -10.38
N ALA A 223 -7.80 2.81 -10.24
CA ALA A 223 -8.45 1.95 -11.20
C ALA A 223 -9.93 1.81 -10.89
N PHE A 224 -10.75 1.87 -11.93
CA PHE A 224 -12.20 1.76 -11.80
C PHE A 224 -12.71 0.71 -12.78
N TYR A 225 -13.91 0.21 -12.53
CA TYR A 225 -14.58 -0.70 -13.44
C TYR A 225 -15.34 0.13 -14.48
N LYS A 226 -15.07 -0.15 -15.76
CA LYS A 226 -15.78 0.54 -16.82
C LYS A 226 -17.27 0.30 -16.70
N ALA A 227 -18.06 1.36 -16.83
CA ALA A 227 -19.51 1.25 -16.88
C ALA A 227 -19.90 0.74 -18.26
N GLN A 228 -20.57 -0.41 -18.31
CA GLN A 228 -20.93 -1.06 -19.56
C GLN A 228 -21.92 -2.17 -19.26
N PRO A 229 -22.64 -2.65 -20.28
CA PRO A 229 -23.48 -3.84 -20.07
C PRO A 229 -22.64 -5.01 -19.58
N VAL A 230 -23.25 -5.85 -18.74
CA VAL A 230 -22.54 -7.00 -18.18
C VAL A 230 -22.12 -7.95 -19.28
N ILE A 231 -22.93 -8.08 -20.33
CA ILE A 231 -22.55 -8.93 -21.45
C ILE A 231 -21.18 -8.54 -21.97
N GLU A 232 -20.98 -7.24 -22.21
CA GLU A 232 -19.68 -6.77 -22.67
C GLU A 232 -18.61 -6.96 -21.60
N PHE A 233 -18.96 -6.79 -20.33
CA PHE A 233 -18.03 -7.10 -19.26
C PHE A 233 -17.59 -8.56 -19.33
N VAL A 234 -18.53 -9.46 -19.66
CA VAL A 234 -18.18 -10.87 -19.82
C VAL A 234 -17.26 -11.06 -21.01
N CYS A 235 -17.33 -10.17 -22.00
CA CYS A 235 -16.44 -10.26 -23.16
C CYS A 235 -15.05 -9.76 -22.82
N GLU A 236 -14.95 -8.55 -22.22
CA GLU A 236 -13.66 -8.05 -21.78
C GLU A 236 -13.01 -9.02 -20.82
N VAL A 237 -13.72 -9.39 -19.75
CA VAL A 237 -13.33 -10.57 -18.98
C VAL A 237 -13.38 -11.78 -19.91
N LEU A 238 -12.67 -12.84 -19.53
CA LEU A 238 -12.50 -13.98 -20.43
C LEU A 238 -11.76 -13.43 -21.64
N ASP A 239 -12.20 -13.68 -22.87
CA ASP A 239 -11.61 -13.03 -24.03
C ASP A 239 -12.46 -13.23 -25.27
N PHE A 240 -13.54 -12.46 -25.40
CA PHE A 240 -14.48 -12.59 -26.51
C PHE A 240 -14.44 -11.31 -27.32
N LYS A 241 -14.05 -11.41 -28.60
CA LYS A 241 -14.20 -10.28 -29.50
C LYS A 241 -15.66 -9.91 -29.73
N SER A 242 -16.59 -10.80 -29.35
CA SER A 242 -18.01 -10.60 -29.59
C SER A 242 -18.78 -11.73 -28.91
N ILE A 243 -19.85 -11.39 -28.18
CA ILE A 243 -20.51 -12.40 -27.34
C ILE A 243 -21.03 -13.55 -28.18
N GLU A 244 -21.53 -13.25 -29.39
CA GLU A 244 -22.18 -14.29 -30.18
C GLU A 244 -21.24 -15.42 -30.57
N GLU A 245 -19.93 -15.27 -30.35
CA GLU A 245 -19.01 -16.36 -30.66
C GLU A 245 -19.16 -17.51 -29.68
N GLN A 246 -19.73 -17.27 -28.50
CA GLN A 246 -19.93 -18.30 -27.49
C GLN A 246 -21.44 -18.56 -27.35
N GLN A 247 -21.99 -19.31 -28.31
CA GLN A 247 -23.38 -19.74 -28.25
C GLN A 247 -23.46 -21.13 -27.63
N LYS A 248 -22.83 -21.30 -26.46
CA LYS A 248 -22.78 -22.55 -25.74
C LYS A 248 -22.54 -22.24 -24.27
N PRO A 249 -23.27 -22.86 -23.35
CA PRO A 249 -23.11 -22.51 -21.93
C PRO A 249 -21.64 -22.49 -21.52
N LEU A 250 -21.30 -21.52 -20.68
CA LEU A 250 -19.92 -21.34 -20.26
C LEU A 250 -19.40 -22.63 -19.60
N THR A 251 -18.15 -22.96 -19.90
CA THR A 251 -17.53 -24.12 -19.29
C THR A 251 -17.42 -23.93 -17.78
N ASP A 252 -17.07 -25.01 -17.09
CA ASP A 252 -16.81 -24.93 -15.66
C ASP A 252 -15.58 -24.08 -15.33
N SER A 253 -14.84 -23.59 -16.33
CA SER A 253 -13.71 -22.71 -16.14
C SER A 253 -14.05 -21.25 -16.45
N GLN A 254 -14.66 -21.00 -17.62
CA GLN A 254 -15.12 -19.65 -17.93
C GLN A 254 -16.06 -19.12 -16.86
N ARG A 255 -16.84 -20.01 -16.23
CA ARG A 255 -17.86 -19.56 -15.30
C ARG A 255 -17.27 -19.08 -13.99
N VAL A 256 -16.19 -19.72 -13.52
CA VAL A 256 -15.63 -19.34 -12.22
C VAL A 256 -14.75 -18.10 -12.36
N LYS A 257 -14.00 -17.99 -13.47
CA LYS A 257 -13.25 -16.76 -13.71
C LYS A 257 -14.16 -15.56 -13.76
N PHE A 258 -15.27 -15.66 -14.52
CA PHE A 258 -16.24 -14.57 -14.58
C PHE A 258 -16.84 -14.30 -13.20
N THR A 259 -17.07 -15.36 -12.42
CA THR A 259 -17.58 -15.16 -11.07
C THR A 259 -16.63 -14.32 -10.24
N LYS A 260 -15.32 -14.62 -10.32
CA LYS A 260 -14.35 -13.91 -9.49
C LYS A 260 -14.32 -12.42 -9.81
N GLU A 261 -14.57 -12.05 -11.08
CA GLU A 261 -14.47 -10.64 -11.45
C GLU A 261 -15.72 -9.85 -11.03
N ILE A 262 -16.91 -10.39 -11.28
CA ILE A 262 -18.12 -9.63 -11.07
C ILE A 262 -18.66 -9.73 -9.65
N LYS A 263 -18.23 -10.72 -8.88
CA LYS A 263 -18.77 -10.88 -7.53
C LYS A 263 -18.49 -9.63 -6.69
N GLY A 264 -19.52 -9.14 -6.01
CA GLY A 264 -19.40 -7.98 -5.17
C GLY A 264 -19.62 -6.65 -5.87
N LEU A 265 -19.69 -6.64 -7.19
CA LEU A 265 -19.87 -5.41 -7.93
C LEU A 265 -21.34 -5.01 -7.95
N LYS A 266 -21.57 -3.70 -8.11
CA LYS A 266 -22.92 -3.19 -8.28
C LYS A 266 -23.36 -3.38 -9.72
N VAL A 267 -24.65 -3.66 -9.90
CA VAL A 267 -25.26 -3.77 -11.23
C VAL A 267 -26.58 -3.01 -11.20
N GLU A 268 -27.04 -2.60 -12.39
CA GLU A 268 -28.26 -1.83 -12.52
C GLU A 268 -29.17 -2.45 -13.57
N ILE A 269 -30.47 -2.41 -13.31
CA ILE A 269 -31.45 -3.06 -14.17
C ILE A 269 -31.71 -2.19 -15.39
N THR A 270 -31.89 -2.81 -16.54
CA THR A 270 -32.09 -2.11 -17.80
C THR A 270 -33.32 -2.65 -18.52
N HIS A 271 -34.37 -3.00 -17.77
CA HIS A 271 -35.58 -3.54 -18.39
C HIS A 271 -36.85 -3.18 -17.63
N CYS A 272 -36.71 -2.85 -16.35
CA CYS A 272 -37.85 -2.68 -15.47
C CYS A 272 -38.05 -1.21 -15.10
N GLY A 273 -38.90 -0.97 -14.11
CA GLY A 273 -39.18 0.37 -13.64
C GLY A 273 -40.13 0.38 -12.45
N LYS A 276 -33.33 3.57 -13.31
CA LYS A 276 -32.85 2.20 -13.21
C LYS A 276 -32.94 1.72 -11.77
N ARG A 277 -32.30 0.59 -11.47
CA ARG A 277 -32.41 -0.04 -10.15
C ARG A 277 -31.13 -0.81 -9.87
N LYS A 278 -30.48 -0.51 -8.74
CA LYS A 278 -29.19 -1.07 -8.42
C LYS A 278 -29.30 -2.34 -7.59
N TYR A 279 -28.30 -3.20 -7.71
CA TYR A 279 -28.19 -4.41 -6.91
C TYR A 279 -26.71 -4.72 -6.73
N ARG A 280 -26.41 -5.59 -5.76
CA ARG A 280 -25.06 -6.08 -5.54
C ARG A 280 -25.01 -7.57 -5.88
N VAL A 281 -24.05 -7.95 -6.71
CA VAL A 281 -23.90 -9.33 -7.14
C VAL A 281 -23.24 -10.11 -6.01
N CYS A 282 -23.93 -11.13 -5.51
CA CYS A 282 -23.39 -11.98 -4.46
C CYS A 282 -22.91 -13.33 -4.95
N ASN A 283 -23.22 -13.70 -6.20
CA ASN A 283 -22.73 -14.94 -6.78
C ASN A 283 -23.21 -15.03 -8.24
N VAL A 284 -22.67 -16.00 -8.96
CA VAL A 284 -23.07 -16.30 -10.33
C VAL A 284 -23.57 -17.74 -10.37
N THR A 285 -24.77 -17.94 -10.91
CA THR A 285 -25.41 -19.24 -10.87
C THR A 285 -24.65 -20.25 -11.72
N ARG A 286 -24.79 -21.52 -11.36
CA ARG A 286 -24.21 -22.59 -12.17
C ARG A 286 -25.03 -22.80 -13.44
N ARG A 287 -26.35 -22.90 -13.30
CA ARG A 287 -27.20 -23.19 -14.44
C ARG A 287 -27.35 -21.97 -15.34
N PRO A 288 -27.78 -22.17 -16.58
CA PRO A 288 -28.15 -21.04 -17.43
C PRO A 288 -29.53 -20.49 -17.06
N ALA A 289 -29.86 -19.36 -17.68
CA ALA A 289 -31.15 -18.72 -17.41
C ALA A 289 -32.31 -19.59 -17.88
N SER A 290 -32.10 -20.39 -18.93
CA SER A 290 -33.18 -21.22 -19.45
C SER A 290 -33.61 -22.28 -18.45
N HIS A 291 -32.71 -22.71 -17.56
CA HIS A 291 -33.00 -23.78 -16.61
C HIS A 291 -32.92 -23.37 -15.15
N GLN A 292 -32.30 -22.23 -14.82
CA GLN A 292 -32.28 -21.77 -13.44
C GLN A 292 -33.69 -21.42 -12.99
N THR A 293 -34.11 -21.97 -11.85
CA THR A 293 -35.47 -21.80 -11.37
C THR A 293 -35.47 -21.08 -10.04
N PHE A 294 -36.63 -20.57 -9.66
CA PHE A 294 -36.87 -19.98 -8.35
C PHE A 294 -38.30 -20.30 -7.96
N PRO A 295 -38.60 -20.42 -6.67
CA PRO A 295 -39.99 -20.68 -6.25
C PRO A 295 -40.87 -19.46 -6.43
N LEU A 296 -41.95 -19.63 -7.19
CA LEU A 296 -42.90 -18.57 -7.50
C LEU A 296 -44.25 -18.94 -6.91
N GLN A 297 -44.78 -18.08 -6.04
CA GLN A 297 -46.09 -18.33 -5.46
C GLN A 297 -47.17 -17.89 -6.45
N GLN A 298 -48.05 -18.80 -6.80
CA GLN A 298 -49.15 -18.49 -7.69
C GLN A 298 -50.30 -17.83 -6.91
N GLU A 299 -51.29 -17.35 -7.67
CA GLU A 299 -52.44 -16.68 -7.06
C GLU A 299 -53.07 -17.54 -5.97
N SER A 300 -53.18 -18.85 -6.21
CA SER A 300 -53.87 -19.73 -5.28
C SER A 300 -53.12 -19.91 -3.97
N GLY A 301 -51.84 -19.51 -3.90
CA GLY A 301 -51.05 -19.68 -2.70
C GLY A 301 -50.03 -20.80 -2.76
N GLN A 302 -50.16 -21.71 -3.70
CA GLN A 302 -49.18 -22.78 -3.85
C GLN A 302 -47.97 -22.29 -4.63
N THR A 303 -46.79 -22.68 -4.17
CA THR A 303 -45.54 -22.26 -4.79
C THR A 303 -45.09 -23.30 -5.80
N VAL A 304 -44.52 -22.82 -6.91
CA VAL A 304 -44.02 -23.68 -7.98
C VAL A 304 -42.66 -23.15 -8.44
N GLU A 305 -41.83 -24.05 -8.96
CA GLU A 305 -40.53 -23.67 -9.49
C GLU A 305 -40.71 -23.12 -10.90
N CYS A 306 -40.18 -21.93 -11.14
CA CYS A 306 -40.28 -21.25 -12.43
C CYS A 306 -38.88 -20.84 -12.89
N THR A 307 -38.62 -20.99 -14.18
CA THR A 307 -37.31 -20.64 -14.72
C THR A 307 -37.19 -19.13 -14.90
N VAL A 308 -35.97 -18.64 -14.79
CA VAL A 308 -35.72 -17.22 -14.97
C VAL A 308 -36.10 -16.80 -16.39
N ALA A 309 -35.83 -17.64 -17.38
CA ALA A 309 -36.23 -17.34 -18.75
C ALA A 309 -37.75 -17.29 -18.87
N GLN A 310 -38.44 -18.29 -18.30
CA GLN A 310 -39.89 -18.32 -18.39
C GLN A 310 -40.51 -17.14 -17.67
N TYR A 311 -39.97 -16.77 -16.50
CA TYR A 311 -40.52 -15.64 -15.75
C TYR A 311 -40.31 -14.32 -16.51
N PHE A 312 -39.15 -14.16 -17.15
CA PHE A 312 -38.94 -12.94 -17.92
C PHE A 312 -39.76 -12.92 -19.20
N LYS A 313 -40.27 -14.08 -19.64
CA LYS A 313 -41.19 -14.12 -20.76
C LYS A 313 -42.59 -13.68 -20.34
N ASP A 314 -43.12 -14.28 -19.26
CA ASP A 314 -44.50 -14.00 -18.85
C ASP A 314 -44.62 -12.62 -18.21
N ARG A 315 -43.70 -12.28 -17.31
CA ARG A 315 -43.85 -11.08 -16.50
C ARG A 315 -43.46 -9.83 -17.27
N HIS A 316 -42.23 -9.79 -17.79
CA HIS A 316 -41.73 -8.61 -18.48
C HIS A 316 -41.85 -8.71 -20.00
N LYS A 317 -42.48 -9.77 -20.51
CA LYS A 317 -42.64 -9.94 -21.95
C LYS A 317 -41.32 -9.64 -22.64
N LEU A 318 -40.34 -10.53 -22.46
CA LEU A 318 -38.97 -10.27 -22.91
C LEU A 318 -38.30 -11.63 -23.12
N VAL A 319 -38.06 -11.97 -24.38
CA VAL A 319 -37.37 -13.22 -24.72
C VAL A 319 -35.87 -13.00 -24.60
N LEU A 320 -35.24 -13.73 -23.68
CA LEU A 320 -33.81 -13.56 -23.46
C LEU A 320 -33.04 -13.92 -24.73
N ARG A 321 -32.16 -13.02 -25.15
CA ARG A 321 -31.31 -13.30 -26.31
C ARG A 321 -30.22 -14.31 -26.00
N TYR A 322 -29.74 -14.35 -24.76
CA TYR A 322 -28.65 -15.23 -24.35
C TYR A 322 -29.10 -16.10 -23.18
N PRO A 323 -30.07 -16.99 -23.40
CA PRO A 323 -30.54 -17.86 -22.31
C PRO A 323 -29.56 -18.95 -21.93
N HIS A 324 -28.54 -19.20 -22.75
CA HIS A 324 -27.53 -20.21 -22.43
C HIS A 324 -26.50 -19.71 -21.43
N LEU A 325 -26.48 -18.40 -21.13
CA LEU A 325 -25.53 -17.83 -20.18
C LEU A 325 -26.10 -17.91 -18.77
N PRO A 326 -25.22 -17.91 -17.75
CA PRO A 326 -25.71 -18.00 -16.37
C PRO A 326 -26.42 -16.72 -15.92
N CYS A 327 -26.82 -16.69 -14.66
CA CYS A 327 -27.52 -15.57 -14.07
C CYS A 327 -26.67 -14.94 -12.98
N LEU A 328 -26.96 -13.68 -12.69
CA LEU A 328 -26.34 -12.96 -11.59
C LEU A 328 -27.28 -13.06 -10.38
N GLN A 329 -26.85 -13.74 -9.34
CA GLN A 329 -27.62 -13.79 -8.09
C GLN A 329 -27.28 -12.53 -7.28
N VAL A 330 -28.31 -11.74 -6.97
CA VAL A 330 -28.15 -10.51 -6.22
C VAL A 330 -28.95 -10.61 -4.94
N GLY A 331 -28.74 -9.64 -4.05
CA GLY A 331 -29.41 -9.67 -2.76
C GLY A 331 -28.79 -10.70 -1.84
N GLN A 332 -29.62 -11.19 -0.92
CA GLN A 332 -29.15 -12.17 0.06
C GLN A 332 -28.95 -13.52 -0.61
N GLU A 333 -27.84 -14.18 -0.25
CA GLU A 333 -27.54 -15.49 -0.82
C GLU A 333 -28.63 -16.52 -0.50
N GLN A 334 -29.40 -16.29 0.56
CA GLN A 334 -30.51 -17.19 0.88
C GLN A 334 -31.69 -16.95 -0.05
N LYS A 335 -32.06 -15.69 -0.28
CA LYS A 335 -33.08 -15.35 -1.26
C LYS A 335 -32.63 -15.79 -2.65
N HIS A 336 -33.59 -15.86 -3.57
CA HIS A 336 -33.35 -16.35 -4.92
C HIS A 336 -33.70 -15.24 -5.91
N THR A 337 -32.91 -14.18 -5.89
CA THR A 337 -33.05 -13.07 -6.83
C THR A 337 -32.00 -13.23 -7.92
N TYR A 338 -32.42 -13.75 -9.07
CA TYR A 338 -31.53 -14.02 -10.19
C TYR A 338 -31.85 -13.08 -11.34
N LEU A 339 -30.82 -12.44 -11.89
CA LEU A 339 -30.97 -11.52 -13.01
C LEU A 339 -30.20 -12.04 -14.21
N PRO A 340 -30.80 -12.13 -15.39
CA PRO A 340 -30.02 -12.49 -16.57
C PRO A 340 -28.95 -11.45 -16.85
N LEU A 341 -27.89 -11.89 -17.54
CA LEU A 341 -26.76 -11.01 -17.80
C LEU A 341 -27.17 -9.83 -18.69
N GLU A 342 -28.06 -10.07 -19.66
CA GLU A 342 -28.35 -9.06 -20.67
C GLU A 342 -29.16 -7.89 -20.15
N VAL A 343 -29.75 -7.98 -18.96
CA VAL A 343 -30.54 -6.89 -18.42
C VAL A 343 -29.78 -6.12 -17.34
N CYS A 344 -28.47 -6.32 -17.24
CA CYS A 344 -27.66 -5.68 -16.21
C CYS A 344 -26.50 -4.92 -16.83
N ASN A 345 -26.21 -3.75 -16.25
CA ASN A 345 -25.02 -2.98 -16.57
C ASN A 345 -24.17 -2.86 -15.32
N ILE A 346 -22.85 -2.77 -15.52
CA ILE A 346 -21.96 -2.43 -14.40
C ILE A 346 -22.20 -0.97 -14.01
N VAL A 347 -22.44 -0.73 -12.73
CA VAL A 347 -22.77 0.61 -12.27
C VAL A 347 -21.51 1.48 -12.31
N ALA A 348 -21.65 2.69 -12.86
CA ALA A 348 -20.50 3.56 -13.04
C ALA A 348 -19.95 4.01 -11.70
N GLY A 349 -18.63 4.14 -11.63
CA GLY A 349 -18.00 4.70 -10.46
C GLY A 349 -17.61 3.72 -9.38
N GLN A 350 -17.31 2.48 -9.73
CA GLN A 350 -16.92 1.46 -8.77
C GLN A 350 -15.40 1.33 -8.79
N ARG A 351 -14.75 1.75 -7.71
CA ARG A 351 -13.30 1.59 -7.62
C ARG A 351 -12.95 0.11 -7.61
N CYS A 352 -11.99 -0.26 -8.46
CA CYS A 352 -11.52 -1.65 -8.52
C CYS A 352 -10.63 -1.92 -7.32
N ILE A 353 -11.10 -2.77 -6.40
CA ILE A 353 -10.34 -3.12 -5.19
C ILE A 353 -9.69 -4.48 -5.29
N LYS A 354 -9.97 -5.26 -6.33
CA LYS A 354 -9.34 -6.55 -6.51
C LYS A 354 -7.94 -6.38 -7.11
N LYS A 355 -7.13 -7.43 -6.98
CA LYS A 355 -5.78 -7.39 -7.51
C LYS A 355 -5.81 -7.20 -9.02
N LEU A 356 -4.91 -6.35 -9.51
CA LEU A 356 -4.77 -6.12 -10.94
C LEU A 356 -3.76 -7.11 -11.52
N THR A 357 -4.03 -7.59 -12.73
CA THR A 357 -3.07 -8.43 -13.42
C THR A 357 -1.80 -7.65 -13.68
N ASP A 358 -0.69 -8.38 -13.87
CA ASP A 358 0.60 -7.72 -14.09
C ASP A 358 0.53 -6.76 -15.28
N ASN A 359 -0.06 -7.20 -16.39
CA ASN A 359 -0.17 -6.32 -17.54
C ASN A 359 -1.05 -5.12 -17.25
N GLN A 360 -1.99 -5.25 -16.30
CA GLN A 360 -2.88 -4.15 -16.00
C GLN A 360 -2.16 -3.06 -15.19
N THR A 361 -1.27 -3.46 -14.27
CA THR A 361 -0.56 -2.46 -13.48
C THR A 361 0.48 -1.73 -14.32
N SER A 362 1.21 -2.45 -15.17
CA SER A 362 2.17 -1.83 -16.07
C SER A 362 1.51 -0.71 -16.87
N THR A 363 0.35 -1.01 -17.47
CA THR A 363 -0.38 0.01 -18.21
C THR A 363 -0.71 1.20 -17.30
N MET A 364 -1.10 0.93 -16.06
CA MET A 364 -1.42 2.00 -15.14
C MET A 364 -0.17 2.79 -14.77
N ILE A 365 0.96 2.10 -14.56
CA ILE A 365 2.21 2.79 -14.24
C ILE A 365 2.60 3.72 -15.38
N ARG A 366 2.71 3.16 -16.59
CA ARG A 366 3.06 3.97 -17.75
C ARG A 366 2.13 5.16 -17.89
N ALA A 367 0.85 4.97 -17.59
CA ALA A 367 -0.14 6.02 -17.82
C ALA A 367 -0.12 7.12 -16.77
N THR A 368 0.40 6.84 -15.58
CA THR A 368 0.29 7.76 -14.46
C THR A 368 1.62 8.35 -14.02
N ALA A 369 2.73 7.91 -14.61
CA ALA A 369 4.04 8.40 -14.24
C ALA A 369 4.26 9.79 -14.83
N ARG A 370 4.51 10.77 -13.97
CA ARG A 370 4.88 12.12 -14.39
C ARG A 370 6.21 12.50 -13.75
N SER A 371 7.06 13.16 -14.52
CA SER A 371 8.25 13.74 -13.93
C SER A 371 7.89 14.75 -12.84
N ALA A 372 8.85 14.99 -11.95
CA ALA A 372 8.63 16.00 -10.91
C ALA A 372 8.16 17.34 -11.45
N PRO A 373 8.82 17.95 -12.46
CA PRO A 373 8.33 19.25 -12.96
C PRO A 373 6.93 19.15 -13.55
N ASP A 374 6.64 18.08 -14.27
CA ASP A 374 5.31 17.91 -14.83
C ASP A 374 4.24 17.82 -13.74
N ARG A 375 4.49 16.99 -12.72
CA ARG A 375 3.50 16.85 -11.65
C ARG A 375 3.29 18.16 -10.92
N GLN A 376 4.38 18.90 -10.68
CA GLN A 376 4.24 20.20 -10.02
C GLN A 376 3.26 21.09 -10.78
N GLU A 377 3.35 21.12 -12.12
CA GLU A 377 2.44 21.93 -12.91
C GLU A 377 1.00 21.40 -12.81
N GLU A 378 0.83 20.08 -12.89
CA GLU A 378 -0.51 19.52 -12.77
C GLU A 378 -1.18 19.93 -11.46
N ILE A 379 -0.39 20.01 -10.38
CA ILE A 379 -0.92 20.49 -9.11
C ILE A 379 -1.30 21.97 -9.21
N SER A 380 -0.47 22.75 -9.91
CA SER A 380 -0.80 24.17 -10.11
C SER A 380 -2.08 24.31 -10.91
N LYS A 381 -2.27 23.48 -11.93
CA LYS A 381 -3.52 23.49 -12.69
C LYS A 381 -4.70 23.14 -11.79
N LEU A 382 -4.54 22.11 -10.95
CA LEU A 382 -5.60 21.74 -10.03
C LEU A 382 -5.99 22.92 -9.15
N MET A 383 -5.00 23.70 -8.69
CA MET A 383 -5.31 24.84 -7.84
C MET A 383 -6.08 25.90 -8.61
N ARG A 384 -5.69 26.18 -9.86
CA ARG A 384 -6.40 27.18 -10.65
C ARG A 384 -7.87 26.80 -10.81
N SER A 385 -8.13 25.59 -11.30
CA SER A 385 -9.52 25.18 -11.50
C SER A 385 -10.28 25.06 -10.19
N ALA A 386 -9.60 24.67 -9.11
CA ALA A 386 -10.27 24.58 -7.82
C ALA A 386 -10.73 25.96 -7.34
N ASP A 387 -9.88 26.97 -7.50
CA ASP A 387 -10.19 28.35 -7.12
C ASP A 387 -10.89 28.40 -5.76
N PHE A 388 -10.16 27.98 -4.74
CA PHE A 388 -10.72 27.92 -3.40
C PHE A 388 -11.17 29.28 -2.91
N ASN A 389 -10.48 30.34 -3.35
CA ASN A 389 -10.78 31.69 -2.89
C ASN A 389 -12.06 32.23 -3.48
N THR A 390 -12.78 31.46 -4.32
CA THR A 390 -14.09 31.84 -4.80
C THR A 390 -15.16 30.79 -4.50
N ASP A 391 -14.78 29.65 -3.97
CA ASP A 391 -15.75 28.66 -3.52
C ASP A 391 -16.70 29.31 -2.51
N PRO A 392 -18.01 29.25 -2.73
CA PRO A 392 -18.93 29.94 -1.81
C PRO A 392 -18.84 29.45 -0.37
N TYR A 393 -18.75 28.14 -0.16
CA TYR A 393 -18.71 27.62 1.20
C TYR A 393 -17.40 27.97 1.89
N VAL A 394 -16.28 27.95 1.17
CA VAL A 394 -15.03 28.40 1.76
C VAL A 394 -15.09 29.88 2.07
N ARG A 395 -15.66 30.67 1.15
CA ARG A 395 -15.86 32.09 1.42
C ARG A 395 -16.82 32.30 2.60
N GLU A 396 -17.91 31.52 2.63
CA GLU A 396 -18.85 31.60 3.74
C GLU A 396 -18.14 31.53 5.08
N PHE A 397 -17.22 30.58 5.23
CA PHE A 397 -16.45 30.42 6.46
C PHE A 397 -15.23 31.33 6.50
N GLY A 398 -15.10 32.25 5.56
CA GLY A 398 -14.03 33.24 5.60
C GLY A 398 -12.63 32.67 5.60
N ILE A 399 -12.39 31.62 4.82
CA ILE A 399 -11.08 31.00 4.74
C ILE A 399 -10.41 31.45 3.44
N MET A 400 -9.09 31.54 3.48
CA MET A 400 -8.29 31.85 2.30
C MET A 400 -7.21 30.79 2.15
N VAL A 401 -6.91 30.43 0.91
CA VAL A 401 -5.89 29.43 0.58
C VAL A 401 -4.89 30.09 -0.35
N LYS A 402 -3.65 30.25 0.14
CA LYS A 402 -2.58 30.79 -0.69
C LYS A 402 -2.45 29.99 -1.97
N ASP A 403 -2.11 30.69 -3.06
CA ASP A 403 -2.07 30.06 -4.37
C ASP A 403 -0.70 29.46 -4.69
N GLU A 404 0.34 29.84 -3.96
CA GLU A 404 1.69 29.38 -4.23
C GLU A 404 2.03 28.20 -3.33
N MET A 405 2.92 27.33 -3.82
CA MET A 405 3.38 26.20 -3.02
C MET A 405 4.20 26.72 -1.85
N THR A 406 4.08 26.05 -0.70
CA THR A 406 4.85 26.43 0.46
C THR A 406 6.34 26.26 0.18
N ASP A 407 7.12 27.28 0.53
CA ASP A 407 8.56 27.21 0.39
C ASP A 407 9.15 26.53 1.60
N VAL A 408 10.07 25.59 1.36
CA VAL A 408 10.71 24.83 2.43
C VAL A 408 12.19 24.73 2.13
N THR A 409 13.01 24.87 3.18
CA THR A 409 14.43 24.59 3.11
C THR A 409 14.68 23.16 3.54
N GLY A 410 15.19 22.33 2.62
CA GLY A 410 15.59 20.98 2.94
C GLY A 410 17.08 20.91 3.20
N ARG A 411 17.54 19.70 3.53
CA ARG A 411 18.95 19.43 3.78
C ARG A 411 19.32 18.10 3.14
N VAL A 412 20.40 18.09 2.39
CA VAL A 412 20.85 16.89 1.67
C VAL A 412 21.89 16.25 2.56
N LEU A 413 21.46 15.29 3.38
CA LEU A 413 22.37 14.60 4.26
C LEU A 413 23.47 13.93 3.45
N GLN A 414 24.65 13.85 4.01
CA GLN A 414 25.76 13.19 3.34
C GLN A 414 25.57 11.69 3.45
N PRO A 415 25.73 10.95 2.35
CA PRO A 415 25.53 9.49 2.40
C PRO A 415 26.69 8.83 3.12
N PRO A 416 26.50 7.60 3.61
CA PRO A 416 27.62 6.87 4.21
C PRO A 416 28.49 6.24 3.14
N SER A 417 29.69 5.85 3.54
CA SER A 417 30.59 5.08 2.70
C SER A 417 30.30 3.60 2.91
N ILE A 418 30.40 2.83 1.83
CA ILE A 418 30.13 1.41 1.84
C ILE A 418 31.46 0.68 1.75
N LEU A 419 31.73 -0.20 2.70
CA LEU A 419 32.99 -0.93 2.80
C LEU A 419 32.84 -2.29 2.15
N TYR A 420 33.70 -2.58 1.20
CA TYR A 420 33.76 -3.86 0.50
C TYR A 420 34.99 -4.62 0.97
N GLY A 421 35.14 -5.84 0.45
CA GLY A 421 36.19 -6.73 0.89
C GLY A 421 37.12 -7.25 -0.19
N GLY A 422 37.29 -8.57 -0.24
CA GLY A 422 38.23 -9.16 -1.19
C GLY A 422 39.65 -8.78 -0.83
N ARG A 423 40.44 -8.40 -1.85
CA ARG A 423 41.76 -7.85 -1.62
C ARG A 423 41.78 -6.33 -1.74
N ASN A 424 40.88 -5.76 -2.54
CA ASN A 424 40.79 -4.31 -2.68
C ASN A 424 39.81 -3.69 -1.70
N LYS A 425 39.31 -4.44 -0.72
CA LYS A 425 38.47 -3.94 0.37
C LYS A 425 37.89 -2.55 0.13
N ALA A 426 37.42 -2.28 -1.08
CA ALA A 426 37.20 -0.92 -1.53
C ALA A 426 36.13 -0.24 -0.68
N ILE A 427 36.13 1.09 -0.75
CA ILE A 427 35.16 1.93 -0.07
C ILE A 427 34.39 2.69 -1.14
N ALA A 428 33.19 2.21 -1.47
CA ALA A 428 32.36 2.90 -2.46
C ALA A 428 31.75 4.15 -1.84
N THR A 429 31.49 5.14 -2.69
CA THR A 429 30.86 6.38 -2.26
C THR A 429 29.59 6.60 -3.08
N PRO A 430 28.41 6.47 -2.46
CA PRO A 430 27.17 6.70 -3.22
C PRO A 430 27.15 8.07 -3.89
N VAL A 431 26.77 8.07 -5.16
CA VAL A 431 26.61 9.30 -5.93
C VAL A 431 25.15 9.35 -6.37
N GLN A 432 24.42 10.33 -5.88
CA GLN A 432 23.00 10.51 -6.22
C GLN A 432 22.21 9.23 -5.90
N GLY A 433 22.51 8.62 -4.76
CA GLY A 433 21.81 7.45 -4.31
C GLY A 433 22.25 6.14 -4.93
N VAL A 434 23.39 6.12 -5.62
CA VAL A 434 23.79 4.94 -6.40
C VAL A 434 25.30 4.72 -6.28
N TRP A 435 25.70 3.46 -6.46
CA TRP A 435 27.10 3.08 -6.59
C TRP A 435 27.13 1.71 -7.24
N ASP A 436 28.33 1.29 -7.65
CA ASP A 436 28.51 0.00 -8.32
C ASP A 436 29.66 -0.76 -7.66
N MET A 437 29.89 -1.97 -8.14
CA MET A 437 30.92 -2.85 -7.58
C MET A 437 32.13 -3.03 -8.50
N ARG A 438 32.26 -2.23 -9.56
CA ARG A 438 33.41 -2.34 -10.43
C ARG A 438 34.69 -2.06 -9.65
N ASN A 439 35.64 -3.00 -9.72
CA ASN A 439 36.87 -2.96 -8.93
C ASN A 439 36.59 -3.07 -7.43
N LYS A 440 35.57 -3.85 -7.08
CA LYS A 440 35.19 -4.06 -5.69
C LYS A 440 34.67 -5.49 -5.54
N GLN A 441 34.90 -6.06 -4.36
CA GLN A 441 34.49 -7.42 -4.06
C GLN A 441 33.77 -7.48 -2.72
N PHE A 442 33.01 -8.56 -2.53
CA PHE A 442 32.18 -8.68 -1.33
C PHE A 442 33.02 -8.53 -0.06
N HIS A 443 32.35 -8.12 1.01
CA HIS A 443 33.04 -7.95 2.29
C HIS A 443 33.49 -9.30 2.85
N THR A 444 32.57 -10.26 2.96
CA THR A 444 32.90 -11.66 3.25
C THR A 444 32.17 -12.49 2.19
N GLY A 445 32.84 -12.72 1.06
CA GLY A 445 32.26 -13.56 0.02
C GLY A 445 32.27 -15.02 0.41
N ILE A 446 31.42 -15.78 -0.26
CA ILE A 446 31.27 -17.21 -0.02
C ILE A 446 31.97 -17.96 -1.15
N GLU A 447 32.82 -18.91 -0.79
CA GLU A 447 33.40 -19.83 -1.76
C GLU A 447 32.40 -20.97 -1.99
N ILE A 448 32.07 -21.23 -3.26
CA ILE A 448 31.03 -22.17 -3.63
C ILE A 448 31.63 -23.23 -4.52
N LYS A 449 31.54 -24.50 -4.09
CA LYS A 449 32.07 -25.62 -4.85
C LYS A 449 30.94 -26.46 -5.44
N VAL A 450 30.03 -26.96 -4.60
CA VAL A 450 28.95 -27.83 -5.04
C VAL A 450 27.68 -26.99 -5.19
N TRP A 451 27.00 -27.15 -6.33
CA TRP A 451 25.77 -26.44 -6.60
C TRP A 451 25.13 -27.02 -7.84
N ALA A 452 23.81 -27.14 -7.83
CA ALA A 452 23.06 -27.81 -8.89
C ALA A 452 22.19 -26.82 -9.64
N ILE A 453 21.87 -27.17 -10.89
CA ILE A 453 20.97 -26.41 -11.73
C ILE A 453 19.71 -27.24 -11.97
N ALA A 454 18.56 -26.67 -11.68
CA ALA A 454 17.25 -27.31 -11.85
C ALA A 454 16.47 -26.49 -12.88
N CYS A 455 16.72 -26.79 -14.16
CA CYS A 455 16.06 -26.04 -15.22
C CYS A 455 14.67 -26.60 -15.46
N PHE A 456 13.65 -25.87 -15.01
CA PHE A 456 12.26 -26.24 -15.23
C PHE A 456 11.70 -25.68 -16.54
N ALA A 457 12.49 -25.01 -17.34
CA ALA A 457 12.05 -24.49 -18.63
C ALA A 457 12.33 -25.49 -19.74
N PRO A 458 11.55 -25.44 -20.81
CA PRO A 458 11.79 -26.38 -21.93
C PRO A 458 13.22 -26.31 -22.46
N GLN A 459 13.84 -27.49 -22.60
CA GLN A 459 15.19 -27.56 -23.15
C GLN A 459 15.28 -26.92 -24.53
N ARG A 460 14.16 -26.91 -25.27
CA ARG A 460 14.18 -26.32 -26.61
C ARG A 460 14.52 -24.84 -26.55
N GLN A 461 13.74 -24.06 -25.78
CA GLN A 461 14.08 -22.66 -25.57
C GLN A 461 15.38 -22.52 -24.81
N CYS A 462 15.55 -23.30 -23.74
CA CYS A 462 16.74 -23.26 -22.90
C CYS A 462 17.61 -24.47 -23.24
N THR A 463 18.42 -24.31 -24.28
CA THR A 463 19.26 -25.40 -24.76
C THR A 463 20.50 -25.56 -23.88
N GLU A 464 21.16 -26.71 -24.03
CA GLU A 464 22.39 -26.95 -23.27
C GLU A 464 23.42 -25.87 -23.52
N VAL A 465 23.42 -25.27 -24.71
CA VAL A 465 24.32 -24.15 -24.99
C VAL A 465 23.97 -22.96 -24.11
N HIS A 466 22.67 -22.71 -23.91
CA HIS A 466 22.26 -21.60 -23.05
C HIS A 466 22.74 -21.83 -21.61
N LEU A 467 22.66 -23.07 -21.12
CA LEU A 467 23.09 -23.35 -19.76
C LEU A 467 24.61 -23.22 -19.63
N LYS A 468 25.34 -23.67 -20.65
CA LYS A 468 26.79 -23.63 -20.59
C LYS A 468 27.30 -22.18 -20.59
N SER A 469 26.76 -21.35 -21.47
CA SER A 469 27.19 -19.95 -21.52
C SER A 469 26.67 -19.18 -20.32
N PHE A 470 25.45 -19.49 -19.87
CA PHE A 470 24.95 -18.90 -18.62
C PHE A 470 25.90 -19.21 -17.48
N THR A 471 26.25 -20.49 -17.32
CA THR A 471 27.23 -20.86 -16.31
C THR A 471 28.55 -20.14 -16.55
N GLU A 472 29.09 -20.25 -17.77
CA GLU A 472 30.39 -19.67 -18.08
C GLU A 472 30.48 -18.23 -17.60
N GLN A 473 29.53 -17.39 -18.03
CA GLN A 473 29.59 -15.97 -17.69
C GLN A 473 29.19 -15.71 -16.24
N LEU A 474 28.35 -16.58 -15.65
CA LEU A 474 27.96 -16.38 -14.26
C LEU A 474 29.16 -16.54 -13.33
N ARG A 475 30.06 -17.47 -13.65
CA ARG A 475 31.26 -17.66 -12.82
C ARG A 475 32.26 -16.53 -13.02
N LYS A 476 32.36 -15.99 -14.24
CA LYS A 476 33.22 -14.84 -14.47
C LYS A 476 32.78 -13.65 -13.62
N ILE A 477 31.48 -13.35 -13.65
CA ILE A 477 30.98 -12.26 -12.82
C ILE A 477 31.13 -12.59 -11.34
N SER A 478 30.99 -13.86 -10.97
CA SER A 478 31.05 -14.23 -9.57
C SER A 478 32.43 -13.96 -8.98
N ARG A 479 33.49 -14.37 -9.69
CA ARG A 479 34.85 -14.18 -9.18
C ARG A 479 35.25 -12.71 -9.18
N ASP A 480 34.68 -11.93 -10.10
CA ASP A 480 34.97 -10.50 -10.10
C ASP A 480 34.35 -9.78 -8.91
N ALA A 481 33.39 -10.41 -8.23
CA ALA A 481 32.67 -9.78 -7.13
C ALA A 481 33.13 -10.24 -5.76
N GLY A 482 34.05 -11.20 -5.70
CA GLY A 482 34.46 -11.76 -4.43
C GLY A 482 33.68 -12.97 -3.96
N MET A 483 32.83 -13.55 -4.80
CA MET A 483 32.06 -14.75 -4.51
C MET A 483 32.41 -15.74 -5.62
N PRO A 484 33.56 -16.40 -5.52
CA PRO A 484 33.98 -17.31 -6.61
C PRO A 484 33.17 -18.60 -6.61
N ILE A 485 32.59 -18.91 -7.76
CA ILE A 485 31.86 -20.16 -7.97
C ILE A 485 32.87 -21.18 -8.50
N GLN A 486 33.36 -22.06 -7.61
CA GLN A 486 34.40 -23.00 -8.00
C GLN A 486 33.84 -24.04 -8.97
N GLY A 487 34.57 -24.28 -10.05
CA GLY A 487 34.23 -25.33 -10.97
C GLY A 487 32.84 -25.24 -11.57
N GLN A 488 32.47 -26.33 -12.25
CA GLN A 488 31.19 -26.45 -12.94
C GLN A 488 30.14 -27.00 -11.99
N PRO A 489 28.86 -26.87 -12.34
CA PRO A 489 27.81 -27.39 -11.47
C PRO A 489 27.91 -28.90 -11.31
N CYS A 490 27.77 -29.37 -10.07
CA CYS A 490 27.80 -30.80 -9.80
C CYS A 490 26.62 -31.53 -10.40
N PHE A 491 25.57 -30.81 -10.80
CA PHE A 491 24.32 -31.41 -11.24
C PHE A 491 23.65 -30.42 -12.18
N CYS A 492 22.98 -30.95 -13.22
CA CYS A 492 22.27 -30.12 -14.17
C CYS A 492 21.31 -30.96 -15.00
N LYS A 493 20.04 -30.99 -14.62
CA LYS A 493 19.04 -31.79 -15.31
C LYS A 493 17.79 -30.94 -15.51
N TYR A 494 16.89 -31.44 -16.37
CA TYR A 494 15.63 -30.80 -16.66
C TYR A 494 14.50 -31.50 -15.90
N ALA A 495 13.34 -30.84 -15.89
CA ALA A 495 12.14 -31.36 -15.24
C ALA A 495 11.01 -30.38 -15.52
N GLN A 496 9.80 -30.76 -15.10
CA GLN A 496 8.63 -29.91 -15.27
C GLN A 496 7.51 -30.48 -14.42
N GLY A 497 6.59 -29.60 -14.03
CA GLY A 497 5.47 -29.98 -13.19
C GLY A 497 5.65 -29.51 -11.75
N ALA A 498 4.52 -29.39 -11.05
CA ALA A 498 4.56 -28.94 -9.67
C ALA A 498 5.12 -30.03 -8.76
N ASP A 499 4.68 -31.27 -8.94
CA ASP A 499 5.03 -32.37 -8.04
C ASP A 499 6.45 -32.88 -8.25
N SER A 500 7.20 -32.31 -9.18
CA SER A 500 8.53 -32.79 -9.48
C SER A 500 9.62 -32.14 -8.63
N VAL A 501 9.28 -31.13 -7.83
CA VAL A 501 10.30 -30.40 -7.08
C VAL A 501 10.73 -31.19 -5.85
N GLU A 502 9.80 -31.42 -4.93
CA GLU A 502 10.14 -32.09 -3.68
C GLU A 502 10.87 -33.41 -3.90
N PRO A 503 10.42 -34.31 -4.80
CA PRO A 503 11.20 -35.53 -5.03
C PRO A 503 12.60 -35.24 -5.51
N MET A 504 12.76 -34.30 -6.44
CA MET A 504 14.11 -33.99 -6.90
C MET A 504 14.91 -33.27 -5.86
N PHE A 505 14.27 -32.43 -5.05
CA PHE A 505 14.99 -31.73 -3.99
C PHE A 505 15.42 -32.69 -2.89
N ARG A 506 14.53 -33.60 -2.49
CA ARG A 506 14.93 -34.66 -1.58
C ARG A 506 16.20 -35.33 -2.08
N HIS A 507 16.22 -35.71 -3.36
CA HIS A 507 17.39 -36.35 -3.92
C HIS A 507 18.62 -35.46 -3.83
N LEU A 508 18.48 -34.19 -4.23
CA LEU A 508 19.64 -33.30 -4.29
C LEU A 508 20.34 -33.23 -2.93
N LYS A 509 19.59 -32.99 -1.86
CA LYS A 509 20.18 -32.97 -0.52
C LYS A 509 20.63 -34.36 -0.12
N ASN A 510 19.93 -35.40 -0.59
CA ASN A 510 20.22 -36.76 -0.16
C ASN A 510 21.56 -37.27 -0.69
N THR A 511 22.06 -36.73 -1.80
CA THR A 511 23.16 -37.34 -2.51
C THR A 511 24.33 -36.40 -2.77
N TYR A 512 24.31 -35.19 -2.23
CA TYR A 512 25.37 -34.21 -2.48
C TYR A 512 25.82 -33.63 -1.15
N ALA A 513 27.08 -33.90 -0.79
CA ALA A 513 27.66 -33.38 0.43
C ALA A 513 28.00 -31.91 0.24
N GLY A 514 27.54 -31.07 1.17
CA GLY A 514 27.80 -29.65 1.08
C GLY A 514 27.03 -28.96 -0.02
N LEU A 515 25.82 -29.42 -0.32
CA LEU A 515 24.98 -28.77 -1.32
C LEU A 515 24.59 -27.38 -0.80
N GLN A 516 25.16 -26.34 -1.41
CA GLN A 516 24.98 -24.98 -0.94
C GLN A 516 23.80 -24.28 -1.61
N LEU A 517 23.79 -24.24 -2.94
CA LEU A 517 22.79 -23.48 -3.68
C LEU A 517 22.28 -24.27 -4.87
N VAL A 518 20.99 -24.12 -5.15
CA VAL A 518 20.35 -24.75 -6.29
C VAL A 518 19.77 -23.65 -7.16
N VAL A 519 20.30 -23.48 -8.36
CA VAL A 519 19.77 -22.51 -9.32
C VAL A 519 18.62 -23.17 -10.08
N VAL A 520 17.49 -22.47 -10.15
CA VAL A 520 16.27 -22.98 -10.79
C VAL A 520 15.90 -22.05 -11.92
N ILE A 521 15.67 -22.63 -13.10
CA ILE A 521 15.25 -21.88 -14.28
C ILE A 521 13.74 -22.06 -14.43
N LEU A 522 13.03 -20.96 -14.62
CA LEU A 522 11.58 -20.98 -14.77
C LEU A 522 11.18 -20.28 -16.05
N PRO A 523 10.11 -20.74 -16.72
CA PRO A 523 9.60 -20.01 -17.89
C PRO A 523 9.10 -18.63 -17.50
N GLY A 524 7.79 -18.41 -17.54
CA GLY A 524 7.24 -17.15 -17.08
C GLY A 524 6.59 -17.29 -15.71
N LYS A 525 5.38 -16.75 -15.55
CA LYS A 525 4.63 -16.92 -14.32
C LYS A 525 4.22 -18.40 -14.20
N THR A 526 4.80 -19.11 -13.24
CA THR A 526 4.54 -20.52 -13.06
C THR A 526 4.31 -20.82 -11.59
N PRO A 527 3.45 -21.80 -11.28
CA PRO A 527 3.27 -22.21 -9.88
C PRO A 527 4.42 -23.03 -9.33
N VAL A 528 5.45 -23.30 -10.13
CA VAL A 528 6.62 -24.01 -9.63
C VAL A 528 7.40 -23.12 -8.67
N TYR A 529 7.33 -21.81 -8.85
CA TYR A 529 8.08 -20.92 -7.97
C TYR A 529 7.60 -21.04 -6.52
N ALA A 530 6.27 -20.92 -6.33
CA ALA A 530 5.73 -21.02 -4.98
C ALA A 530 6.17 -22.29 -4.27
N GLU A 531 6.13 -23.42 -4.98
CA GLU A 531 6.46 -24.70 -4.34
C GLU A 531 7.97 -24.92 -4.26
N VAL A 532 8.74 -24.34 -5.19
CA VAL A 532 10.19 -24.40 -5.06
C VAL A 532 10.64 -23.70 -3.79
N LYS A 533 9.91 -22.65 -3.38
CA LYS A 533 10.24 -21.95 -2.14
C LYS A 533 9.68 -22.68 -0.93
N ARG A 534 8.43 -23.16 -1.01
CA ARG A 534 7.84 -23.90 0.10
C ARG A 534 8.73 -25.08 0.50
N VAL A 535 9.31 -25.76 -0.48
CA VAL A 535 10.15 -26.91 -0.18
C VAL A 535 11.52 -26.47 0.33
N GLY A 536 12.15 -25.53 -0.38
CA GLY A 536 13.50 -25.11 -0.02
C GLY A 536 13.57 -24.27 1.24
N ASP A 537 12.49 -23.62 1.61
CA ASP A 537 12.46 -22.75 2.78
C ASP A 537 11.94 -23.45 4.02
N THR A 538 10.84 -24.19 3.88
CA THR A 538 10.13 -24.74 5.03
C THR A 538 10.28 -26.25 5.20
N VAL A 539 10.57 -27.00 4.13
CA VAL A 539 10.59 -28.45 4.22
C VAL A 539 12.02 -28.94 4.38
N LEU A 540 12.78 -29.01 3.29
CA LEU A 540 14.14 -29.51 3.37
C LEU A 540 15.10 -28.44 3.89
N GLY A 541 14.89 -27.19 3.51
CA GLY A 541 15.74 -26.10 3.95
C GLY A 541 16.99 -25.91 3.11
N MET A 542 16.80 -25.74 1.80
CA MET A 542 17.90 -25.57 0.87
C MET A 542 17.83 -24.18 0.24
N ALA A 543 18.96 -23.49 0.20
CA ALA A 543 19.02 -22.20 -0.46
C ALA A 543 18.74 -22.36 -1.95
N THR A 544 17.69 -21.71 -2.43
CA THR A 544 17.31 -21.75 -3.83
C THR A 544 17.39 -20.35 -4.44
N GLN A 545 17.65 -20.31 -5.74
CA GLN A 545 17.71 -19.05 -6.49
C GLN A 545 17.05 -19.29 -7.84
N CYS A 546 15.88 -18.72 -8.05
CA CYS A 546 15.19 -18.82 -9.32
C CYS A 546 15.63 -17.71 -10.26
N VAL A 547 15.47 -17.96 -11.56
CA VAL A 547 15.88 -17.02 -12.59
C VAL A 547 15.08 -17.31 -13.85
N GLN A 548 14.50 -16.27 -14.45
CA GLN A 548 13.64 -16.44 -15.60
C GLN A 548 14.42 -17.02 -16.79
N MET A 549 13.71 -17.73 -17.65
CA MET A 549 14.32 -18.32 -18.83
C MET A 549 15.04 -17.26 -19.67
N LYS A 550 14.38 -16.12 -19.91
CA LYS A 550 14.97 -15.10 -20.78
C LYS A 550 16.31 -14.61 -20.25
N ASN A 551 16.49 -14.59 -18.93
CA ASN A 551 17.74 -14.18 -18.33
C ASN A 551 18.80 -15.28 -18.37
N VAL A 552 18.50 -16.40 -18.99
CA VAL A 552 19.48 -17.45 -19.27
C VAL A 552 19.93 -17.40 -20.73
N GLN A 553 18.98 -17.34 -21.67
CA GLN A 553 19.32 -17.32 -23.08
C GLN A 553 20.14 -16.08 -23.43
N ARG A 554 19.91 -14.96 -22.74
CA ARG A 554 20.61 -13.71 -22.98
C ARG A 554 21.03 -13.16 -21.63
N THR A 555 22.34 -13.14 -21.37
CA THR A 555 22.86 -12.71 -20.09
C THR A 555 23.63 -11.41 -20.22
N THR A 556 23.59 -10.61 -19.16
CA THR A 556 24.27 -9.34 -19.05
C THR A 556 25.13 -9.33 -17.79
N PRO A 557 26.28 -8.66 -17.82
CA PRO A 557 27.08 -8.57 -16.57
C PRO A 557 26.32 -7.95 -15.41
N GLN A 558 25.60 -6.85 -15.65
CA GLN A 558 24.86 -6.19 -14.57
C GLN A 558 23.81 -7.12 -13.97
N THR A 559 22.99 -7.75 -14.83
CA THR A 559 22.01 -8.71 -14.33
C THR A 559 22.69 -9.84 -13.58
N LEU A 560 23.79 -10.36 -14.12
CA LEU A 560 24.54 -11.39 -13.41
C LEU A 560 25.08 -10.85 -12.08
N SER A 561 25.61 -9.62 -12.10
CA SER A 561 26.08 -9.01 -10.87
C SER A 561 24.96 -8.93 -9.83
N ASN A 562 23.84 -8.31 -10.20
CA ASN A 562 22.71 -8.20 -9.27
C ASN A 562 22.26 -9.58 -8.80
N LEU A 563 22.25 -10.55 -9.71
CA LEU A 563 21.89 -11.90 -9.31
C LEU A 563 22.83 -12.43 -8.24
N CYS A 564 24.11 -12.07 -8.33
CA CYS A 564 25.08 -12.56 -7.36
C CYS A 564 24.85 -11.96 -5.98
N LEU A 565 24.37 -10.71 -5.92
CA LEU A 565 24.06 -10.11 -4.62
C LEU A 565 23.07 -10.95 -3.83
N LYS A 566 22.04 -11.48 -4.51
CA LYS A 566 20.99 -12.19 -3.80
C LYS A 566 21.48 -13.53 -3.28
N ILE A 567 22.35 -14.20 -4.03
CA ILE A 567 22.75 -15.54 -3.67
C ILE A 567 23.92 -15.58 -2.70
N ASN A 568 24.76 -14.54 -2.66
CA ASN A 568 25.82 -14.49 -1.66
C ASN A 568 25.24 -14.38 -0.25
N VAL A 569 24.23 -13.52 -0.06
CA VAL A 569 23.64 -13.36 1.26
C VAL A 569 22.81 -14.58 1.62
N LYS A 570 22.23 -15.24 0.62
CA LYS A 570 21.44 -16.44 0.87
C LYS A 570 22.29 -17.57 1.44
N LEU A 571 23.61 -17.52 1.23
CA LEU A 571 24.53 -18.49 1.79
C LEU A 571 25.37 -17.92 2.93
N GLY A 572 24.87 -16.87 3.59
CA GLY A 572 25.51 -16.33 4.76
C GLY A 572 26.58 -15.29 4.52
N GLY A 573 26.72 -14.80 3.28
CA GLY A 573 27.74 -13.82 3.00
C GLY A 573 27.39 -12.44 3.49
N VAL A 574 28.36 -11.53 3.39
CA VAL A 574 28.20 -10.12 3.75
C VAL A 574 28.63 -9.31 2.53
N ASN A 575 27.65 -8.82 1.76
CA ASN A 575 27.97 -8.12 0.51
C ASN A 575 28.76 -6.86 0.77
N ASN A 576 28.44 -6.14 1.84
CA ASN A 576 29.15 -4.94 2.23
C ASN A 576 28.57 -4.47 3.56
N ILE A 577 29.21 -3.46 4.15
CA ILE A 577 28.77 -2.89 5.42
C ILE A 577 29.03 -1.39 5.41
N LEU A 578 28.32 -0.68 6.27
CA LEU A 578 28.60 0.73 6.46
C LEU A 578 30.01 0.91 7.01
N LEU A 579 30.71 1.94 6.54
CA LEU A 579 32.02 2.27 7.07
C LEU A 579 31.90 2.44 8.58
N PRO A 580 32.47 1.52 9.37
CA PRO A 580 32.21 1.53 10.82
C PRO A 580 32.37 2.87 11.49
N GLN A 581 33.44 3.62 11.18
CA GLN A 581 33.66 4.89 11.87
C GLN A 581 32.72 5.99 11.43
N GLY A 582 31.97 5.77 10.34
CA GLY A 582 30.99 6.74 9.90
C GLY A 582 29.61 6.59 10.52
N ARG A 583 29.43 5.60 11.39
CA ARG A 583 28.13 5.34 11.97
C ARG A 583 27.80 6.31 13.11
N PRO A 584 26.52 6.57 13.34
CA PRO A 584 26.14 7.45 14.47
C PRO A 584 26.44 6.79 15.80
N PRO A 585 26.49 7.57 16.88
CA PRO A 585 26.96 7.01 18.17
C PRO A 585 26.07 5.92 18.73
N VAL A 586 24.87 5.71 18.18
CA VAL A 586 23.99 4.66 18.68
C VAL A 586 24.69 3.31 18.68
N PHE A 587 25.65 3.10 17.78
CA PHE A 587 26.37 1.84 17.68
C PHE A 587 27.45 1.68 18.74
N GLN A 588 27.51 2.57 19.73
CA GLN A 588 28.46 2.40 20.82
C GLN A 588 28.14 1.16 21.65
N GLN A 589 26.88 1.01 22.06
CA GLN A 589 26.40 -0.12 22.82
C GLN A 589 25.61 -1.05 21.91
N PRO A 590 25.50 -2.32 22.27
CA PRO A 590 24.73 -3.26 21.44
C PRO A 590 23.33 -2.72 21.14
N VAL A 591 22.91 -2.85 19.89
CA VAL A 591 21.62 -2.34 19.44
C VAL A 591 21.06 -3.29 18.40
N ILE A 592 19.75 -3.52 18.46
CA ILE A 592 19.04 -4.33 17.48
C ILE A 592 18.04 -3.45 16.72
N PHE A 593 18.05 -3.57 15.40
CA PHE A 593 17.12 -2.84 14.55
C PHE A 593 16.05 -3.81 14.09
N LEU A 594 14.80 -3.43 14.26
CA LEU A 594 13.66 -4.23 13.87
C LEU A 594 12.87 -3.53 12.76
N GLY A 595 12.40 -4.31 11.80
CA GLY A 595 11.41 -3.87 10.83
C GLY A 595 10.14 -4.72 10.93
N ALA A 596 9.00 -4.05 10.84
CA ALA A 596 7.71 -4.70 10.99
C ALA A 596 6.78 -4.26 9.88
N ASP A 597 6.06 -5.21 9.29
CA ASP A 597 5.05 -4.92 8.29
C ASP A 597 3.98 -6.01 8.34
N VAL A 598 2.79 -5.66 7.86
CA VAL A 598 1.66 -6.57 7.77
C VAL A 598 1.05 -6.42 6.37
N THR A 599 1.00 -7.52 5.62
CA THR A 599 0.42 -7.55 4.28
C THR A 599 -0.96 -8.16 4.35
N HIS A 600 -1.96 -7.44 3.83
CA HIS A 600 -3.35 -7.87 3.93
C HIS A 600 -3.83 -8.42 2.59
N PRO A 601 -4.74 -9.39 2.61
CA PRO A 601 -5.38 -9.83 1.35
C PRO A 601 -6.43 -8.82 0.89
N PRO A 602 -7.03 -9.03 -0.29
CA PRO A 602 -8.09 -8.14 -0.77
C PRO A 602 -9.49 -8.66 -0.47
N GLY A 606 -12.22 -12.36 2.20
CA GLY A 606 -12.72 -12.32 3.55
C GLY A 606 -12.19 -13.43 4.42
N LYS A 607 -11.94 -14.59 3.80
CA LYS A 607 -11.38 -15.73 4.51
C LYS A 607 -9.86 -15.74 4.51
N LYS A 608 -9.23 -15.03 3.58
CA LYS A 608 -7.77 -14.99 3.54
C LYS A 608 -7.24 -14.27 4.78
N PRO A 609 -6.20 -14.80 5.41
CA PRO A 609 -5.64 -14.14 6.60
C PRO A 609 -4.55 -13.13 6.27
N SER A 610 -4.39 -12.16 7.16
CA SER A 610 -3.28 -11.23 7.09
C SER A 610 -2.00 -11.92 7.54
N ILE A 611 -0.88 -11.38 7.09
CA ILE A 611 0.45 -11.93 7.38
C ILE A 611 1.28 -10.84 8.05
N ALA A 612 1.72 -11.11 9.27
CA ALA A 612 2.57 -10.19 10.02
C ALA A 612 4.02 -10.69 9.95
N ALA A 613 4.94 -9.75 9.77
CA ALA A 613 6.35 -10.09 9.61
C ALA A 613 7.17 -9.10 10.43
N VAL A 614 8.14 -9.63 11.17
CA VAL A 614 9.06 -8.81 11.94
C VAL A 614 10.46 -9.40 11.78
N VAL A 615 11.42 -8.57 11.36
CA VAL A 615 12.80 -8.97 11.16
C VAL A 615 13.67 -8.19 12.12
N GLY A 616 14.81 -8.78 12.48
CA GLY A 616 15.70 -8.16 13.42
C GLY A 616 17.14 -8.35 13.00
N SER A 617 17.96 -7.34 13.30
CA SER A 617 19.37 -7.35 12.91
C SER A 617 20.15 -8.25 13.86
N MET A 618 21.11 -8.99 13.29
CA MET A 618 21.88 -9.97 14.05
C MET A 618 23.39 -9.69 14.07
N ASP A 619 23.78 -8.43 13.87
CA ASP A 619 25.18 -8.05 14.03
C ASP A 619 25.23 -6.53 14.13
N ALA A 620 26.45 -6.01 14.33
CA ALA A 620 26.66 -4.59 14.57
C ALA A 620 26.99 -3.82 13.28
N HIS A 621 26.95 -4.47 12.13
CA HIS A 621 27.27 -3.76 10.89
C HIS A 621 26.33 -2.60 10.59
N PRO A 622 25.00 -2.80 10.50
CA PRO A 622 24.23 -4.06 10.58
C PRO A 622 23.90 -4.57 9.20
N ASN A 623 24.05 -5.88 9.00
CA ASN A 623 23.86 -6.44 7.66
C ASN A 623 22.94 -7.65 7.68
N ARG A 624 23.23 -8.65 8.50
CA ARG A 624 22.43 -9.86 8.51
C ARG A 624 21.17 -9.67 9.35
N TYR A 625 20.07 -10.29 8.92
CA TYR A 625 18.76 -10.11 9.53
C TYR A 625 18.08 -11.46 9.63
N CYS A 626 17.52 -11.74 10.80
CA CYS A 626 16.68 -12.91 10.98
C CYS A 626 15.21 -12.49 10.92
N ALA A 627 14.37 -13.41 10.45
CA ALA A 627 12.98 -13.11 10.16
C ALA A 627 12.04 -13.90 11.05
N THR A 628 10.92 -13.27 11.41
CA THR A 628 9.77 -13.92 12.03
C THR A 628 8.53 -13.55 11.23
N VAL A 629 7.59 -14.47 11.14
CA VAL A 629 6.36 -14.26 10.39
C VAL A 629 5.22 -14.96 11.10
N ARG A 630 4.04 -14.38 11.02
CA ARG A 630 2.85 -14.95 11.63
C ARG A 630 1.65 -14.71 10.72
N VAL A 631 0.72 -15.67 10.74
CA VAL A 631 -0.58 -15.52 10.12
C VAL A 631 -1.55 -15.10 11.22
N GLN A 632 -2.38 -14.09 10.93
CA GLN A 632 -3.29 -13.54 11.93
C GLN A 632 -4.59 -13.13 11.26
N GLN A 633 -5.44 -12.45 12.02
CA GLN A 633 -6.80 -12.17 11.58
C GLN A 633 -6.82 -11.40 10.27
N HIS A 634 -7.81 -11.73 9.43
CA HIS A 634 -8.03 -11.07 8.16
C HIS A 634 -8.11 -9.55 8.32
N ARG A 635 -7.11 -8.85 7.75
CA ARG A 635 -7.07 -7.40 7.68
C ARG A 635 -6.93 -6.74 9.06
N GLN A 636 -6.21 -7.38 9.96
CA GLN A 636 -5.87 -6.81 11.26
C GLN A 636 -4.49 -6.19 11.16
N GLU A 637 -4.42 -4.87 11.32
CA GLU A 637 -3.14 -4.17 11.23
C GLU A 637 -2.26 -4.44 12.44
N ILE A 638 -2.87 -4.58 13.63
CA ILE A 638 -2.09 -4.83 14.83
C ILE A 638 -1.39 -6.18 14.70
N ILE A 639 -0.09 -6.20 15.05
CA ILE A 639 0.69 -7.44 15.09
C ILE A 639 0.30 -8.16 16.38
N GLN A 640 -0.56 -9.17 16.26
CA GLN A 640 -1.10 -9.82 17.45
C GLN A 640 -0.01 -10.49 18.27
N ASP A 641 0.81 -11.32 17.63
CA ASP A 641 1.83 -12.09 18.32
C ASP A 641 3.17 -11.40 18.37
N LEU A 642 3.19 -10.06 18.50
CA LEU A 642 4.44 -9.32 18.41
C LEU A 642 5.38 -9.67 19.56
N ALA A 643 4.84 -9.76 20.78
CA ALA A 643 5.70 -10.06 21.93
C ALA A 643 6.50 -11.35 21.72
N ALA A 644 5.81 -12.41 21.29
CA ALA A 644 6.51 -13.66 21.01
C ALA A 644 7.54 -13.46 19.90
N MET A 645 7.17 -12.71 18.85
CA MET A 645 8.08 -12.49 17.74
C MET A 645 9.33 -11.74 18.18
N VAL A 646 9.15 -10.65 18.93
CA VAL A 646 10.30 -9.89 19.40
C VAL A 646 11.18 -10.76 20.28
N ARG A 647 10.55 -11.61 21.11
CA ARG A 647 11.31 -12.42 22.04
C ARG A 647 12.30 -13.31 21.32
N GLU A 648 11.84 -14.06 20.32
CA GLU A 648 12.76 -14.97 19.65
C GLU A 648 13.82 -14.22 18.86
N LEU A 649 13.50 -13.01 18.39
CA LEU A 649 14.51 -12.22 17.68
C LEU A 649 15.61 -11.75 18.65
N LEU A 650 15.23 -11.40 19.88
CA LEU A 650 16.24 -11.03 20.88
C LEU A 650 17.12 -12.22 21.22
N ILE A 651 16.52 -13.41 21.35
CA ILE A 651 17.31 -14.61 21.62
C ILE A 651 18.33 -14.85 20.52
N GLN A 652 17.87 -14.84 19.26
CA GLN A 652 18.77 -15.04 18.13
C GLN A 652 19.88 -13.99 18.13
N PHE A 653 19.54 -12.73 18.44
CA PHE A 653 20.56 -11.70 18.56
C PHE A 653 21.60 -12.09 19.60
N TYR A 654 21.14 -12.51 20.78
CA TYR A 654 22.08 -12.94 21.82
C TYR A 654 22.88 -14.15 21.36
N LYS A 655 22.26 -15.08 20.64
CA LYS A 655 22.98 -16.25 20.19
C LYS A 655 23.98 -15.90 19.09
N SER A 656 23.68 -14.89 18.27
CA SER A 656 24.57 -14.53 17.17
C SER A 656 25.71 -13.63 17.62
N THR A 657 25.45 -12.76 18.61
CA THR A 657 26.43 -11.76 19.03
C THR A 657 26.86 -11.91 20.48
N ARG A 658 26.17 -12.74 21.28
CA ARG A 658 26.47 -12.91 22.69
C ARG A 658 26.36 -11.60 23.46
N PHE A 659 25.62 -10.63 22.92
CA PHE A 659 25.30 -9.39 23.62
C PHE A 659 23.79 -9.27 23.77
N LYS A 660 23.37 -8.52 24.80
CA LYS A 660 21.97 -8.22 25.01
C LYS A 660 21.68 -6.78 24.60
N PRO A 661 20.80 -6.54 23.64
CA PRO A 661 20.59 -5.17 23.16
C PRO A 661 20.29 -4.21 24.30
N THR A 662 21.04 -3.11 24.35
CA THR A 662 20.71 -2.02 25.25
C THR A 662 19.67 -1.08 24.65
N ARG A 663 19.50 -1.09 23.33
CA ARG A 663 18.52 -0.25 22.66
C ARG A 663 17.80 -1.08 21.60
N ILE A 664 16.51 -0.83 21.44
CA ILE A 664 15.70 -1.46 20.40
C ILE A 664 15.14 -0.36 19.53
N ILE A 665 15.46 -0.38 18.23
CA ILE A 665 14.98 0.58 17.24
C ILE A 665 13.98 -0.16 16.38
N PHE A 666 12.70 0.29 16.42
CA PHE A 666 11.56 -0.41 15.83
C PHE A 666 11.01 0.46 14.68
N TYR A 667 11.24 0.03 13.45
CA TYR A 667 10.71 0.69 12.27
C TYR A 667 9.43 -0.04 11.84
N ARG A 668 8.30 0.63 11.99
CA ARG A 668 6.99 0.05 11.75
C ARG A 668 6.40 0.70 10.51
N ASP A 669 6.08 -0.11 9.51
CA ASP A 669 5.60 0.38 8.23
C ASP A 669 4.09 0.25 8.12
N GLY A 670 3.46 1.27 7.55
CA GLY A 670 2.09 1.16 7.09
C GLY A 670 1.03 1.31 8.14
N VAL A 671 1.06 2.39 8.91
CA VAL A 671 0.03 2.69 9.88
C VAL A 671 -0.39 4.15 9.69
N SER A 672 -1.65 4.37 9.35
CA SER A 672 -2.16 5.72 9.19
C SER A 672 -2.19 6.44 10.53
N GLU A 673 -2.34 7.77 10.47
CA GLU A 673 -2.39 8.57 11.70
C GLU A 673 -3.54 8.14 12.60
N GLY A 674 -4.64 7.66 12.02
CA GLY A 674 -5.80 7.30 12.80
C GLY A 674 -5.60 6.08 13.67
N GLN A 675 -4.47 5.40 13.55
CA GLN A 675 -4.23 4.17 14.30
C GLN A 675 -2.97 4.25 15.16
N PHE A 676 -2.36 5.42 15.30
CA PHE A 676 -1.13 5.53 16.08
C PHE A 676 -1.34 5.03 17.50
N GLN A 677 -2.38 5.53 18.17
CA GLN A 677 -2.59 5.17 19.58
C GLN A 677 -2.87 3.66 19.73
N GLN A 678 -3.69 3.10 18.84
CA GLN A 678 -3.98 1.68 18.92
C GLN A 678 -2.72 0.84 18.76
N VAL A 679 -1.93 1.11 17.71
CA VAL A 679 -0.71 0.33 17.48
C VAL A 679 0.31 0.63 18.58
N LEU A 680 0.51 1.91 18.89
CA LEU A 680 1.44 2.27 19.95
C LEU A 680 1.12 1.53 21.23
N HIS A 681 -0.16 1.45 21.58
CA HIS A 681 -0.53 0.82 22.84
C HIS A 681 -0.19 -0.68 22.84
N HIS A 682 -0.74 -1.43 21.89
CA HIS A 682 -0.55 -2.88 21.92
C HIS A 682 0.89 -3.25 21.56
N GLU A 683 1.48 -2.58 20.58
CA GLU A 683 2.78 -3.02 20.08
C GLU A 683 3.94 -2.49 20.91
N LEU A 684 3.84 -1.29 21.46
CA LEU A 684 4.86 -0.83 22.38
C LEU A 684 4.88 -1.69 23.65
N LEU A 685 3.69 -2.00 24.19
CA LEU A 685 3.64 -2.85 25.37
C LEU A 685 4.15 -4.25 25.05
N ALA A 686 3.79 -4.78 23.88
CA ALA A 686 4.24 -6.12 23.50
C ALA A 686 5.77 -6.19 23.46
N ILE A 687 6.42 -5.13 22.95
CA ILE A 687 7.88 -5.12 22.91
C ILE A 687 8.43 -5.14 24.34
N ARG A 688 7.91 -4.27 25.21
CA ARG A 688 8.29 -4.30 26.62
C ARG A 688 8.05 -5.68 27.23
N GLU A 689 6.91 -6.29 26.92
CA GLU A 689 6.58 -7.62 27.45
C GLU A 689 7.64 -8.64 27.07
N ALA A 690 8.15 -8.58 25.83
CA ALA A 690 9.15 -9.55 25.41
C ALA A 690 10.46 -9.37 26.16
N CYS A 691 10.80 -8.14 26.53
CA CYS A 691 12.04 -7.90 27.27
C CYS A 691 11.97 -8.49 28.69
N ILE A 692 10.88 -8.24 29.41
CA ILE A 692 10.80 -8.66 30.80
C ILE A 692 10.45 -10.14 30.93
N LYS A 693 9.83 -10.75 29.91
CA LYS A 693 9.66 -12.19 29.93
C LYS A 693 10.99 -12.90 29.82
N LEU A 694 11.92 -12.33 29.05
CA LEU A 694 13.26 -12.89 28.97
C LEU A 694 13.99 -12.75 30.29
N GLU A 695 13.77 -11.64 30.99
CA GLU A 695 14.63 -11.26 32.12
C GLU A 695 13.99 -10.09 32.85
N LYS A 696 13.70 -10.29 34.14
CA LYS A 696 12.87 -9.34 34.87
C LYS A 696 13.39 -7.91 34.75
N ASP A 697 14.70 -7.71 34.89
CA ASP A 697 15.28 -6.38 34.94
C ASP A 697 15.94 -5.94 33.64
N TYR A 698 15.52 -6.52 32.51
CA TYR A 698 16.06 -6.18 31.19
C TYR A 698 15.13 -5.14 30.57
N GLN A 699 15.59 -3.88 30.58
CA GLN A 699 14.77 -2.75 30.13
C GLN A 699 15.54 -1.92 29.11
N PRO A 700 15.69 -2.43 27.88
CA PRO A 700 16.38 -1.63 26.86
C PRO A 700 15.52 -0.47 26.42
N GLY A 701 16.18 0.65 26.10
CA GLY A 701 15.48 1.80 25.56
C GLY A 701 14.88 1.49 24.21
N ILE A 702 13.58 1.78 24.06
CA ILE A 702 12.85 1.52 22.82
C ILE A 702 12.64 2.82 22.06
N THR A 703 12.80 2.75 20.74
CA THR A 703 12.44 3.84 19.84
C THR A 703 11.46 3.29 18.83
N PHE A 704 10.24 3.84 18.82
CA PHE A 704 9.15 3.41 17.95
C PHE A 704 8.96 4.43 16.83
N ILE A 705 9.19 4.00 15.59
CA ILE A 705 9.16 4.89 14.44
C ILE A 705 8.21 4.30 13.40
N VAL A 706 7.17 5.05 13.06
CA VAL A 706 6.26 4.67 11.97
C VAL A 706 6.82 5.22 10.67
N VAL A 707 6.90 4.36 9.65
CA VAL A 707 7.40 4.75 8.34
C VAL A 707 6.27 4.62 7.33
N GLN A 708 6.03 5.68 6.56
CA GLN A 708 4.84 5.80 5.72
C GLN A 708 5.22 6.22 4.31
N LYS A 709 4.88 5.40 3.34
CA LYS A 709 4.99 5.73 1.93
C LYS A 709 3.66 6.17 1.33
N ARG A 710 2.55 5.94 2.03
CA ARG A 710 1.21 6.14 1.47
C ARG A 710 0.67 7.50 1.91
N HIS A 711 1.22 8.54 1.29
CA HIS A 711 0.80 9.91 1.55
C HIS A 711 1.03 10.70 0.28
N HIS A 712 0.51 11.94 0.27
CA HIS A 712 0.56 12.81 -0.90
C HIS A 712 1.40 14.06 -0.67
N THR A 713 2.43 13.95 0.15
CA THR A 713 3.39 15.04 0.31
C THR A 713 4.45 14.89 -0.76
N ARG A 714 4.67 15.96 -1.53
CA ARG A 714 5.58 15.94 -2.67
C ARG A 714 6.45 17.17 -2.62
N LEU A 715 7.75 16.96 -2.85
CA LEU A 715 8.75 18.02 -2.76
C LEU A 715 9.42 18.18 -4.12
N PHE A 716 9.65 19.45 -4.50
CA PHE A 716 10.23 19.78 -5.79
C PHE A 716 11.37 20.77 -5.60
N CYS A 717 12.44 20.60 -6.37
CA CYS A 717 13.55 21.55 -6.33
C CYS A 717 13.10 22.91 -6.85
N THR A 718 13.37 23.95 -6.07
CA THR A 718 13.10 25.30 -6.53
C THR A 718 14.05 25.72 -7.65
N ASP A 719 15.34 25.39 -7.51
CA ASP A 719 16.34 25.68 -8.52
C ASP A 719 16.48 24.49 -9.46
N LYS A 720 16.41 24.76 -10.76
CA LYS A 720 16.54 23.70 -11.74
C LYS A 720 17.84 22.95 -11.59
N ASN A 721 18.90 23.63 -11.13
CA ASN A 721 20.22 23.01 -11.06
C ASN A 721 20.27 21.83 -10.09
N GLU A 722 19.37 21.79 -9.10
CA GLU A 722 19.38 20.71 -8.12
C GLU A 722 18.57 19.50 -8.57
N ARG A 723 17.86 19.60 -9.70
CA ARG A 723 17.12 18.45 -10.21
C ARG A 723 18.07 17.31 -10.61
N VAL A 724 17.60 16.08 -10.43
CA VAL A 724 18.40 14.88 -10.66
C VAL A 724 17.67 13.98 -11.64
N GLY A 725 18.32 13.66 -12.75
CA GLY A 725 17.80 12.71 -13.72
C GLY A 725 16.81 13.32 -14.70
N LYS A 726 16.30 12.45 -15.57
CA LYS A 726 15.24 12.86 -16.49
C LYS A 726 13.94 13.15 -15.78
N SER A 727 13.75 12.59 -14.58
CA SER A 727 12.56 12.86 -13.77
C SER A 727 12.63 14.21 -13.08
N GLY A 728 13.83 14.77 -12.91
CA GLY A 728 13.97 16.05 -12.25
C GLY A 728 13.63 16.05 -10.78
N ASN A 729 13.83 14.91 -10.11
CA ASN A 729 13.43 14.78 -8.71
C ASN A 729 14.50 15.38 -7.80
N ILE A 730 14.15 15.48 -6.51
CA ILE A 730 15.07 15.94 -5.47
C ILE A 730 16.16 14.90 -5.33
N PRO A 731 17.33 15.26 -4.83
CA PRO A 731 18.40 14.28 -4.68
C PRO A 731 18.21 13.39 -3.46
N ALA A 732 18.80 12.19 -3.53
CA ALA A 732 18.82 11.28 -2.40
C ALA A 732 19.45 11.95 -1.19
N GLY A 733 18.80 11.79 -0.04
CA GLY A 733 19.24 12.41 1.19
C GLY A 733 18.46 13.63 1.61
N THR A 734 17.54 14.10 0.76
CA THR A 734 16.80 15.31 1.08
C THR A 734 15.93 15.09 2.31
N THR A 735 16.08 15.98 3.30
CA THR A 735 15.39 15.86 4.58
C THR A 735 14.68 17.16 4.91
N VAL A 736 13.46 17.04 5.43
CA VAL A 736 12.64 18.17 5.81
C VAL A 736 12.02 17.87 7.18
N ASP A 737 12.10 18.86 8.09
CA ASP A 737 11.46 18.69 9.39
C ASP A 737 10.96 20.01 9.98
N THR A 738 10.72 21.04 9.16
CA THR A 738 10.50 22.39 9.66
C THR A 738 9.08 22.89 9.44
N LYS A 739 8.66 23.10 8.20
CA LYS A 739 7.49 23.93 7.95
C LYS A 739 6.23 23.15 7.62
N ILE A 740 6.35 21.92 7.13
CA ILE A 740 5.20 21.11 6.77
C ILE A 740 5.03 19.92 7.71
N THR A 741 5.83 19.86 8.77
CA THR A 741 5.83 18.75 9.70
C THR A 741 4.93 19.07 10.90
N HIS A 742 4.91 18.17 11.87
CA HIS A 742 4.00 18.31 13.00
C HIS A 742 4.39 19.52 13.84
N PRO A 743 3.42 20.29 14.33
CA PRO A 743 3.77 21.49 15.11
C PRO A 743 4.48 21.19 16.41
N THR A 744 4.30 20.01 17.00
CA THR A 744 4.93 19.73 18.29
C THR A 744 5.64 18.39 18.37
N GLU A 745 5.22 17.42 17.56
CA GLU A 745 5.75 16.07 17.69
C GLU A 745 7.01 15.87 16.85
N PHE A 746 7.60 14.67 16.99
CA PHE A 746 8.89 14.32 16.38
C PHE A 746 8.64 13.56 15.08
N ASP A 747 8.64 14.30 13.96
CA ASP A 747 8.44 13.69 12.65
C ASP A 747 9.26 14.44 11.61
N PHE A 748 9.57 13.75 10.51
CA PHE A 748 10.37 14.33 9.45
C PHE A 748 10.18 13.54 8.16
N TYR A 749 10.51 14.18 7.05
CA TYR A 749 10.50 13.53 5.74
C TYR A 749 11.94 13.25 5.34
N LEU A 750 12.17 12.12 4.69
CA LEU A 750 13.50 11.76 4.20
C LEU A 750 13.33 11.01 2.90
N CYS A 751 13.70 11.65 1.79
CA CYS A 751 13.71 11.01 0.49
C CYS A 751 15.10 10.42 0.34
N SER A 752 15.24 9.15 0.73
CA SER A 752 16.54 8.49 0.77
C SER A 752 16.99 7.92 -0.57
N HIS A 753 16.09 7.83 -1.54
CA HIS A 753 16.33 7.11 -2.78
C HIS A 753 16.40 8.09 -3.95
N ALA A 754 16.89 7.60 -5.08
CA ALA A 754 16.98 8.36 -6.30
C ALA A 754 15.70 8.11 -7.09
N GLY A 755 15.04 9.20 -7.50
CA GLY A 755 13.87 9.09 -8.35
C GLY A 755 14.22 8.59 -9.73
N ILE A 756 13.77 7.38 -10.08
CA ILE A 756 14.07 6.78 -11.37
C ILE A 756 13.05 7.24 -12.40
N GLN A 757 11.79 6.87 -12.22
CA GLN A 757 10.70 7.31 -13.07
C GLN A 757 9.65 7.99 -12.19
N GLY A 758 8.79 8.75 -12.82
CA GLY A 758 7.78 9.46 -12.07
C GLY A 758 8.38 10.37 -11.00
N THR A 759 7.53 10.76 -10.06
CA THR A 759 7.91 11.69 -9.00
C THR A 759 8.16 10.93 -7.71
N SER A 760 9.29 11.23 -7.07
CA SER A 760 9.68 10.53 -5.87
C SER A 760 8.62 10.69 -4.77
N ARG A 761 8.43 9.62 -3.99
CA ARG A 761 7.62 9.65 -2.78
C ARG A 761 8.55 9.82 -1.60
N PRO A 762 8.62 10.99 -0.98
CA PRO A 762 9.49 11.14 0.20
C PRO A 762 8.93 10.36 1.38
N SER A 763 9.72 9.42 1.90
CA SER A 763 9.26 8.65 3.06
C SER A 763 9.07 9.57 4.27
N HIS A 764 8.03 9.32 5.04
CA HIS A 764 7.74 10.04 6.27
C HIS A 764 7.98 9.15 7.49
N TYR A 765 8.56 9.73 8.53
CA TYR A 765 8.94 8.99 9.73
C TYR A 765 8.40 9.76 10.93
N HIS A 766 7.60 9.08 11.75
CA HIS A 766 6.96 9.67 12.93
C HIS A 766 7.38 8.87 14.15
N VAL A 767 8.06 9.55 15.08
CA VAL A 767 8.56 8.90 16.28
C VAL A 767 7.44 8.87 17.31
N LEU A 768 6.82 7.70 17.52
CA LEU A 768 5.77 7.57 18.52
C LEU A 768 6.31 7.36 19.93
N TRP A 769 7.57 7.01 20.07
CA TRP A 769 8.14 6.74 21.38
C TRP A 769 9.66 6.71 21.26
N ASP A 770 10.35 7.21 22.27
CA ASP A 770 11.81 7.24 22.24
C ASP A 770 12.34 7.33 23.67
N ASP A 771 12.78 6.19 24.22
CA ASP A 771 13.47 6.19 25.51
C ASP A 771 14.90 6.68 25.37
N ASN A 772 15.46 6.67 24.16
CA ASN A 772 16.87 6.90 23.93
C ASN A 772 17.19 8.36 23.64
N ARG A 773 16.21 9.25 23.73
CA ARG A 773 16.43 10.69 23.58
C ARG A 773 17.28 10.99 22.35
N PHE A 774 16.83 10.46 21.21
CA PHE A 774 17.52 10.72 19.96
C PHE A 774 17.46 12.21 19.63
N SER A 775 18.56 12.72 19.06
CA SER A 775 18.52 14.03 18.44
C SER A 775 17.94 13.93 17.03
N SER A 776 17.53 15.07 16.48
CA SER A 776 16.96 15.07 15.14
C SER A 776 17.97 14.56 14.13
N ASP A 777 19.21 15.02 14.24
CA ASP A 777 20.21 14.69 13.23
C ASP A 777 20.56 13.21 13.29
N GLU A 778 20.79 12.68 14.49
CA GLU A 778 21.28 11.30 14.59
C GLU A 778 20.24 10.33 14.07
N LEU A 779 18.96 10.58 14.38
CA LEU A 779 17.89 9.71 13.91
C LEU A 779 17.75 9.82 12.39
N GLN A 780 17.77 11.04 11.86
CA GLN A 780 17.69 11.20 10.42
C GLN A 780 18.89 10.57 9.73
N ILE A 781 20.09 10.75 10.29
CA ILE A 781 21.27 10.16 9.67
C ILE A 781 21.21 8.64 9.81
N LEU A 782 20.83 8.15 10.98
CA LEU A 782 20.72 6.71 11.18
C LEU A 782 19.73 6.10 10.19
N THR A 783 18.54 6.70 10.09
CA THR A 783 17.54 6.22 9.12
C THR A 783 18.11 6.21 7.72
N TYR A 784 18.81 7.29 7.34
CA TYR A 784 19.38 7.39 5.99
C TYR A 784 20.41 6.30 5.77
N GLN A 785 21.30 6.09 6.73
CA GLN A 785 22.32 5.05 6.56
C GLN A 785 21.69 3.68 6.45
N LEU A 786 20.59 3.44 7.18
CA LEU A 786 19.97 2.11 7.13
C LEU A 786 19.41 1.82 5.75
N CYS A 787 19.02 2.85 5.02
CA CYS A 787 18.60 2.67 3.62
C CYS A 787 19.76 2.25 2.69
N HIS A 788 21.00 2.25 3.19
CA HIS A 788 22.15 1.86 2.40
C HIS A 788 22.62 0.44 2.69
N THR A 789 21.92 -0.27 3.57
CA THR A 789 22.28 -1.64 3.93
C THR A 789 21.44 -2.69 3.23
N TYR A 790 20.56 -2.28 2.33
CA TYR A 790 19.74 -3.22 1.58
C TYR A 790 20.64 -4.00 0.62
N VAL A 791 20.64 -5.32 0.76
CA VAL A 791 21.64 -6.13 0.07
C VAL A 791 21.25 -6.51 -1.36
N ARG A 792 20.03 -6.21 -1.80
CA ARG A 792 19.60 -6.64 -3.12
C ARG A 792 20.03 -5.69 -4.23
N CYS A 793 20.58 -4.53 -3.89
CA CYS A 793 20.99 -3.59 -4.91
C CYS A 793 21.99 -2.61 -4.31
N THR A 794 22.89 -2.12 -5.16
CA THR A 794 23.88 -1.12 -4.76
C THR A 794 23.29 0.29 -4.89
N ARG A 795 22.15 0.49 -4.23
CA ARG A 795 21.48 1.79 -4.23
C ARG A 795 20.83 2.01 -2.88
N SER A 796 20.67 3.29 -2.51
CA SER A 796 19.92 3.67 -1.33
C SER A 796 18.43 3.51 -1.61
N VAL A 797 17.73 2.78 -0.74
CA VAL A 797 16.35 2.43 -0.99
C VAL A 797 15.41 3.39 -0.26
N SER A 798 14.13 3.36 -0.67
CA SER A 798 13.16 4.33 -0.19
C SER A 798 12.80 4.16 1.30
N ILE A 799 13.07 3.01 1.89
CA ILE A 799 12.87 2.81 3.32
C ILE A 799 14.04 2.03 3.89
N PRO A 800 14.30 2.16 5.19
CA PRO A 800 15.38 1.39 5.81
C PRO A 800 15.21 -0.10 5.56
N ALA A 801 16.35 -0.76 5.29
CA ALA A 801 16.35 -2.21 5.03
C ALA A 801 15.49 -3.03 5.97
N PRO A 802 15.54 -2.85 7.28
CA PRO A 802 14.65 -3.66 8.15
C PRO A 802 13.20 -3.63 7.72
N ALA A 803 12.62 -2.43 7.52
CA ALA A 803 11.24 -2.33 7.05
C ALA A 803 11.09 -2.98 5.68
N TYR A 804 12.09 -2.86 4.82
CA TYR A 804 11.99 -3.49 3.51
C TYR A 804 12.02 -5.01 3.62
N TYR A 805 13.00 -5.55 4.34
CA TYR A 805 13.04 -6.99 4.56
C TYR A 805 11.73 -7.51 5.14
N ALA A 806 11.17 -6.82 6.15
CA ALA A 806 9.89 -7.24 6.69
C ALA A 806 8.84 -7.41 5.60
N HIS A 807 8.81 -6.48 4.63
CA HIS A 807 7.86 -6.60 3.54
C HIS A 807 8.16 -7.82 2.67
N LEU A 808 9.43 -8.10 2.43
CA LEU A 808 9.79 -9.27 1.63
C LEU A 808 9.44 -10.56 2.35
N VAL A 809 9.64 -10.60 3.67
CA VAL A 809 9.30 -11.80 4.45
C VAL A 809 7.81 -12.13 4.32
N ALA A 810 6.96 -11.14 4.57
CA ALA A 810 5.52 -11.37 4.45
C ALA A 810 5.16 -11.78 3.03
N PHE A 811 5.79 -11.15 2.03
CA PHE A 811 5.54 -11.52 0.64
C PHE A 811 5.90 -12.97 0.39
N ARG A 812 7.01 -13.44 0.99
CA ARG A 812 7.43 -14.82 0.79
C ARG A 812 6.47 -15.79 1.47
N ALA A 813 5.94 -15.40 2.64
CA ALA A 813 4.94 -16.22 3.31
C ALA A 813 3.69 -16.40 2.46
N ARG A 814 3.42 -15.47 1.53
CA ARG A 814 2.28 -15.63 0.65
C ARG A 814 2.49 -16.78 -0.33
N TYR A 815 3.69 -16.89 -0.90
CA TYR A 815 3.99 -18.01 -1.78
C TYR A 815 4.05 -19.32 -1.01
N HIS A 816 4.36 -19.26 0.28
CA HIS A 816 4.34 -20.43 1.13
C HIS A 816 2.92 -20.93 1.39
N LEU A 817 1.90 -20.20 0.94
CA LEU A 817 0.50 -20.53 1.23
C LEU A 817 0.28 -20.51 2.74
N HIS A 839 -6.50 -22.68 11.30
CA HIS A 839 -5.47 -21.75 11.74
C HIS A 839 -4.19 -22.50 12.14
N GLN A 840 -4.36 -23.73 12.63
CA GLN A 840 -3.21 -24.49 13.12
C GLN A 840 -2.32 -24.94 11.95
N ALA A 841 -2.94 -25.27 10.81
CA ALA A 841 -2.16 -25.74 9.67
C ALA A 841 -1.50 -24.59 8.91
N LEU A 842 -2.15 -23.42 8.88
CA LEU A 842 -1.58 -22.28 8.18
C LEU A 842 -0.27 -21.83 8.81
N ALA A 843 -0.22 -21.81 10.15
CA ALA A 843 0.99 -21.37 10.83
C ALA A 843 2.20 -22.19 10.42
N LYS A 844 2.01 -23.49 10.14
CA LYS A 844 3.15 -24.33 9.80
C LYS A 844 3.50 -24.24 8.32
N ALA A 845 2.51 -23.95 7.46
CA ALA A 845 2.82 -23.66 6.06
C ALA A 845 3.74 -22.45 5.94
N VAL A 846 3.73 -21.57 6.93
CA VAL A 846 4.60 -20.40 6.94
C VAL A 846 5.82 -20.59 7.84
N GLN A 847 5.77 -21.54 8.78
CA GLN A 847 6.94 -21.82 9.60
C GLN A 847 8.10 -22.27 8.72
N VAL A 848 9.29 -21.75 8.99
CA VAL A 848 10.44 -21.94 8.12
C VAL A 848 11.38 -22.96 8.73
N HIS A 849 12.04 -23.70 7.85
CA HIS A 849 12.97 -24.75 8.27
C HIS A 849 14.06 -24.17 9.17
N GLN A 850 14.55 -24.99 10.10
CA GLN A 850 15.54 -24.53 11.05
C GLN A 850 16.81 -24.06 10.34
N ASP A 851 17.30 -24.86 9.39
CA ASP A 851 18.51 -24.48 8.67
C ASP A 851 18.32 -23.15 7.97
N THR A 852 17.14 -22.93 7.38
CA THR A 852 16.79 -21.66 6.78
C THR A 852 16.02 -20.76 7.74
N LEU A 853 16.29 -20.85 9.04
CA LEU A 853 15.75 -19.94 10.03
C LEU A 853 16.77 -18.91 10.50
N ARG A 854 18.01 -18.98 10.01
CA ARG A 854 19.08 -18.08 10.42
C ARG A 854 19.76 -17.42 9.23
N THR A 855 19.22 -17.58 8.02
CA THR A 855 19.73 -16.97 6.82
C THR A 855 18.71 -15.98 6.28
N MET A 856 19.08 -15.28 5.21
CA MET A 856 18.20 -14.32 4.57
C MET A 856 17.60 -14.94 3.30
N TYR A 857 16.72 -15.93 3.54
CA TYR A 857 16.05 -16.62 2.45
C TYR A 857 15.12 -15.68 1.67
N PHE A 858 14.59 -14.65 2.32
CA PHE A 858 13.66 -13.74 1.66
C PHE A 858 14.36 -12.81 0.67
N ALA A 859 15.68 -12.74 0.68
CA ALA A 859 16.39 -11.86 -0.24
C ALA A 859 16.06 -12.20 -1.67
#